data_2NO3
#
_entry.id   2NO3
#
_cell.length_a   157.201
_cell.length_b   157.201
_cell.length_c   123.362
_cell.angle_alpha   90.00
_cell.angle_beta   90.00
_cell.angle_gamma   120.00
#
_symmetry.space_group_name_H-M   'P 32 2 1'
#
loop_
_entity.id
_entity.type
_entity.pdbx_description
1 polymer 'Mitogen-activated protein kinase 8'
2 polymer 'C-JUN-AMINO-TERMINAL KINASE-INTERACTING protein 1'
3 non-polymer 'SULFATE ION'
4 non-polymer 2-({2-[(3-HYDROXYPHENYL)AMINO]PYRIMIDIN-4-YL}AMINO)BENZAMIDE
#
loop_
_entity_poly.entity_id
_entity_poly.type
_entity_poly.pdbx_seq_one_letter_code
_entity_poly.pdbx_strand_id
1 'polypeptide(L)'
;MSRSKRDNNFYSVEIGDSTFTVLKRYQNLKPIGSGAQGIVCAAYDAILERNVAIKKLSRPFQNQTHAKRAYRELVLMKCV
NHKNIIGLLNVFTPQKSLEEFQDVYIVMELMDANLCQVIQMELDHERMSYLLYQMLCGIKHLHSAGIIHRDLKPSNIVVK
SDCTLKILDFGLARTAGTSFMMEPEVVTRYYRAPEVILGMGYKENVDLWSVGCIMGEMVCHKILFPGRDYIDQWNKVIEQ
LGTPCPEFMKKLQPTVRTYVENRPKYAGYSFEKLFPDVLFPADSEHNKLKASQARDLLSKMLVIDASKRISVDEALQHPY
INVWYDPSEAEAPPPKIPDKQLDEREHTIEEWKELIYKEVMDLEHHHHHH
;
A,B
2 'polypeptide(L)' RPKRPTTLNLF F,G
#
loop_
_chem_comp.id
_chem_comp.type
_chem_comp.name
_chem_comp.formula
859 non-polymer 2-({2-[(3-HYDROXYPHENYL)AMINO]PYRIMIDIN-4-YL}AMINO)BENZAMIDE 'C17 H15 N5 O2'
SO4 non-polymer 'SULFATE ION' 'O4 S -2'
#
# COMPACT_ATOMS: atom_id res chain seq x y z
N ASN A 8 -7.60 41.38 -22.85
CA ASN A 8 -6.45 41.03 -21.97
C ASN A 8 -5.13 41.07 -22.71
N ASN A 9 -4.14 40.36 -22.18
CA ASN A 9 -2.82 40.29 -22.77
C ASN A 9 -2.65 38.89 -23.35
N PHE A 10 -3.09 37.89 -22.58
CA PHE A 10 -3.01 36.49 -22.98
C PHE A 10 -3.92 36.28 -24.19
N TYR A 11 -4.07 35.02 -24.58
CA TYR A 11 -4.94 34.66 -25.69
C TYR A 11 -5.17 33.16 -25.63
N SER A 12 -5.49 32.54 -26.76
CA SER A 12 -5.74 31.12 -26.74
C SER A 12 -5.57 30.42 -28.08
N VAL A 13 -5.36 29.11 -28.01
CA VAL A 13 -5.19 28.29 -29.21
C VAL A 13 -5.75 26.89 -28.97
N GLU A 14 -6.30 26.30 -30.01
CA GLU A 14 -6.88 24.97 -29.93
C GLU A 14 -5.78 23.91 -29.97
N ILE A 15 -5.39 23.43 -28.78
CA ILE A 15 -4.36 22.40 -28.69
C ILE A 15 -5.02 21.09 -28.24
N GLY A 16 -5.74 20.44 -29.15
CA GLY A 16 -6.42 19.21 -28.82
C GLY A 16 -7.68 19.48 -28.02
N ASP A 17 -8.12 18.48 -27.27
CA ASP A 17 -9.33 18.59 -26.46
C ASP A 17 -9.15 19.53 -25.27
N SER A 18 -8.22 20.46 -25.40
CA SER A 18 -7.95 21.44 -24.35
C SER A 18 -7.60 22.79 -24.97
N THR A 19 -7.25 23.77 -24.12
CA THR A 19 -6.92 25.10 -24.60
C THR A 19 -5.90 25.83 -23.71
N PHE A 20 -4.94 26.50 -24.33
CA PHE A 20 -3.92 27.24 -23.60
C PHE A 20 -4.22 28.74 -23.60
N THR A 21 -4.16 29.37 -22.44
CA THR A 21 -4.41 30.80 -22.33
C THR A 21 -3.12 31.45 -21.87
N VAL A 22 -2.23 31.79 -22.82
CA VAL A 22 -0.92 32.38 -22.50
C VAL A 22 -0.66 33.81 -22.92
N LEU A 23 0.37 34.41 -22.32
CA LEU A 23 0.80 35.77 -22.63
C LEU A 23 1.21 35.78 -24.11
N LYS A 24 0.70 36.75 -24.87
CA LYS A 24 0.98 36.83 -26.30
C LYS A 24 2.48 36.74 -26.62
N ARG A 25 3.33 36.98 -25.62
CA ARG A 25 4.77 36.91 -25.87
C ARG A 25 5.20 35.53 -26.36
N TYR A 26 4.41 34.51 -26.07
CA TYR A 26 4.69 33.12 -26.50
C TYR A 26 3.80 32.86 -27.69
N GLN A 27 4.39 32.77 -28.87
CA GLN A 27 3.59 32.58 -30.07
C GLN A 27 3.75 31.27 -30.84
N ASN A 28 2.76 31.01 -31.68
CA ASN A 28 2.72 29.82 -32.53
C ASN A 28 3.03 28.54 -31.77
N LEU A 29 2.03 27.99 -31.09
CA LEU A 29 2.20 26.76 -30.31
C LEU A 29 2.05 25.50 -31.12
N LYS A 30 2.44 24.39 -30.51
CA LYS A 30 2.36 23.06 -31.07
C LYS A 30 2.70 22.10 -29.95
N PRO A 31 1.92 21.02 -29.83
CA PRO A 31 2.12 20.01 -28.78
C PRO A 31 3.32 19.14 -29.07
N ILE A 32 3.92 18.61 -28.01
CA ILE A 32 5.09 17.75 -28.13
C ILE A 32 5.11 16.74 -27.00
N GLY A 33 4.19 16.88 -26.04
CA GLY A 33 4.18 15.94 -24.93
C GLY A 33 2.86 15.69 -24.25
N SER A 34 2.50 14.41 -24.17
CA SER A 34 1.27 13.98 -23.51
C SER A 34 1.70 13.35 -22.18
N GLY A 35 2.05 14.20 -21.21
CA GLY A 35 2.49 13.70 -19.91
C GLY A 35 1.39 13.52 -18.87
N ALA A 36 1.77 13.57 -17.60
CA ALA A 36 0.82 13.40 -16.50
C ALA A 36 0.47 14.70 -15.80
N GLN A 37 1.46 15.56 -15.59
CA GLN A 37 1.22 16.85 -14.95
C GLN A 37 0.54 17.82 -15.90
N GLY A 38 0.32 17.37 -17.14
CA GLY A 38 -0.32 18.20 -18.12
C GLY A 38 0.37 18.17 -19.48
N ILE A 39 -0.30 18.69 -20.50
CA ILE A 39 0.29 18.73 -21.82
C ILE A 39 1.38 19.78 -21.82
N VAL A 40 2.36 19.62 -22.72
CA VAL A 40 3.47 20.54 -22.81
C VAL A 40 3.71 20.95 -24.27
N CYS A 41 3.57 22.24 -24.53
CA CYS A 41 3.74 22.79 -25.87
C CYS A 41 5.09 23.46 -26.08
N ALA A 42 5.53 23.41 -27.34
CA ALA A 42 6.78 24.02 -27.77
C ALA A 42 6.38 25.26 -28.54
N ALA A 43 6.93 26.40 -28.15
CA ALA A 43 6.58 27.65 -28.81
C ALA A 43 7.72 28.66 -28.82
N TYR A 44 7.54 29.70 -29.63
CA TYR A 44 8.52 30.78 -29.77
C TYR A 44 8.14 31.99 -28.92
N ASP A 45 9.03 32.33 -27.99
CA ASP A 45 8.86 33.47 -27.10
C ASP A 45 9.43 34.65 -27.88
N ALA A 46 8.56 35.45 -28.48
CA ALA A 46 8.98 36.60 -29.25
C ALA A 46 9.96 37.48 -28.45
N ILE A 47 9.55 37.91 -27.27
CA ILE A 47 10.39 38.75 -26.44
C ILE A 47 11.77 38.16 -26.20
N LEU A 48 11.83 36.83 -26.09
CA LEU A 48 13.09 36.15 -25.82
C LEU A 48 13.94 35.92 -27.04
N GLU A 49 13.31 35.63 -28.17
CA GLU A 49 14.03 35.36 -29.40
C GLU A 49 14.73 34.00 -29.21
N ARG A 50 13.97 33.03 -28.70
CA ARG A 50 14.45 31.68 -28.48
C ARG A 50 13.17 30.85 -28.27
N ASN A 51 13.08 29.67 -28.90
CA ASN A 51 11.90 28.83 -28.74
C ASN A 51 11.84 28.25 -27.32
N VAL A 52 10.65 28.25 -26.69
CA VAL A 52 10.51 27.73 -25.34
C VAL A 52 9.46 26.63 -25.14
N ALA A 53 9.52 26.01 -23.96
CA ALA A 53 8.61 24.92 -23.59
C ALA A 53 7.60 25.39 -22.54
N ILE A 54 6.33 25.06 -22.78
CA ILE A 54 5.26 25.45 -21.87
C ILE A 54 4.41 24.26 -21.38
N LYS A 55 4.26 24.16 -20.06
CA LYS A 55 3.50 23.08 -19.47
C LYS A 55 2.21 23.61 -18.83
N LYS A 56 1.07 23.06 -19.24
CA LYS A 56 -0.22 23.46 -18.68
C LYS A 56 -0.50 22.51 -17.52
N LEU A 57 -0.71 23.06 -16.33
CA LEU A 57 -0.99 22.24 -15.16
C LEU A 57 -2.45 21.81 -15.04
N SER A 58 -2.68 20.52 -15.30
CA SER A 58 -4.01 19.89 -15.24
C SER A 58 -4.61 19.95 -13.85
N ARG A 59 -5.80 20.53 -13.74
CA ARG A 59 -6.49 20.63 -12.45
C ARG A 59 -5.45 20.88 -11.36
N PRO A 60 -4.99 22.13 -11.25
CA PRO A 60 -3.99 22.63 -10.29
C PRO A 60 -4.24 22.16 -8.86
N PHE A 61 -5.46 21.73 -8.58
CA PHE A 61 -5.78 21.27 -7.23
C PHE A 61 -6.97 20.32 -7.17
N GLN A 62 -7.21 19.58 -8.26
CA GLN A 62 -8.30 18.61 -8.29
C GLN A 62 -8.28 17.83 -6.99
N ASN A 63 -7.45 16.78 -6.94
CA ASN A 63 -7.34 15.95 -5.74
C ASN A 63 -6.25 16.47 -4.79
N GLN A 64 -6.39 16.13 -3.51
CA GLN A 64 -5.42 16.55 -2.49
C GLN A 64 -4.02 16.08 -2.87
N THR A 65 -3.94 15.28 -3.94
CA THR A 65 -2.66 14.75 -4.40
C THR A 65 -2.05 15.55 -5.54
N HIS A 66 -2.86 15.93 -6.53
CA HIS A 66 -2.34 16.71 -7.65
C HIS A 66 -1.73 18.03 -7.20
N ALA A 67 -2.16 18.52 -6.04
CA ALA A 67 -1.64 19.75 -5.46
C ALA A 67 -0.20 19.51 -5.05
N LYS A 68 -0.02 18.74 -3.98
CA LYS A 68 1.30 18.40 -3.43
C LYS A 68 2.41 18.29 -4.48
N ARG A 69 2.07 17.79 -5.65
CA ARG A 69 3.05 17.64 -6.72
C ARG A 69 3.19 18.93 -7.52
N ALA A 70 2.08 19.42 -8.06
CA ALA A 70 2.08 20.66 -8.84
C ALA A 70 2.77 21.76 -8.04
N TYR A 71 2.76 21.63 -6.72
CA TYR A 71 3.42 22.61 -5.87
C TYR A 71 4.94 22.41 -5.95
N ARG A 72 5.42 21.26 -5.46
CA ARG A 72 6.85 20.97 -5.46
C ARG A 72 7.46 21.23 -6.82
N GLU A 73 6.71 20.91 -7.86
CA GLU A 73 7.20 21.14 -9.21
C GLU A 73 7.61 22.62 -9.20
N LEU A 74 6.64 23.49 -8.96
CA LEU A 74 6.90 24.92 -8.91
C LEU A 74 8.13 25.17 -8.05
N VAL A 75 7.94 25.06 -6.75
CA VAL A 75 9.00 25.29 -5.79
C VAL A 75 10.35 24.80 -6.27
N LEU A 76 10.47 23.49 -6.45
CA LEU A 76 11.74 22.92 -6.90
C LEU A 76 12.20 23.52 -8.23
N MET A 77 11.26 23.72 -9.14
CA MET A 77 11.64 24.31 -10.41
C MET A 77 12.45 25.55 -10.10
N LYS A 78 12.01 26.28 -9.08
CA LYS A 78 12.66 27.51 -8.64
C LYS A 78 13.98 27.34 -7.87
N CYS A 79 13.90 26.80 -6.66
CA CYS A 79 15.08 26.61 -5.80
C CYS A 79 16.23 25.72 -6.31
N VAL A 80 16.11 25.15 -7.50
CA VAL A 80 17.18 24.28 -8.00
C VAL A 80 17.67 24.70 -9.37
N ASN A 81 18.89 25.24 -9.41
CA ASN A 81 19.50 25.68 -10.68
C ASN A 81 20.85 25.03 -10.90
N HIS A 82 20.98 24.33 -12.02
CA HIS A 82 22.21 23.66 -12.38
C HIS A 82 22.22 23.54 -13.89
N LYS A 83 23.41 23.64 -14.48
CA LYS A 83 23.54 23.57 -15.92
C LYS A 83 23.01 22.26 -16.52
N ASN A 84 22.79 21.27 -15.66
CA ASN A 84 22.29 19.98 -16.12
C ASN A 84 20.87 19.72 -15.63
N ILE A 85 20.12 20.80 -15.39
CA ILE A 85 18.74 20.67 -14.94
C ILE A 85 17.84 21.77 -15.50
N ILE A 86 16.98 21.39 -16.45
CA ILE A 86 16.04 22.29 -17.13
C ILE A 86 15.71 23.58 -16.34
N GLY A 87 16.16 24.69 -16.89
CA GLY A 87 15.94 25.98 -16.24
C GLY A 87 14.54 26.51 -16.36
N LEU A 88 14.07 27.08 -15.25
CA LEU A 88 12.74 27.68 -15.18
C LEU A 88 12.75 29.07 -15.77
N LEU A 89 12.03 29.23 -16.87
CA LEU A 89 11.96 30.50 -17.56
C LEU A 89 10.85 31.42 -17.10
N ASN A 90 9.68 30.85 -16.85
CA ASN A 90 8.55 31.64 -16.44
C ASN A 90 7.38 30.79 -15.96
N VAL A 91 6.47 31.45 -15.24
CA VAL A 91 5.27 30.83 -14.70
C VAL A 91 4.22 31.94 -14.61
N PHE A 92 2.95 31.60 -14.74
CA PHE A 92 1.93 32.62 -14.67
C PHE A 92 0.56 32.01 -14.51
N THR A 93 -0.45 32.74 -14.98
CA THR A 93 -1.82 32.26 -14.92
C THR A 93 -2.75 33.24 -15.60
N PRO A 94 -3.54 32.75 -16.57
CA PRO A 94 -4.46 33.63 -17.28
C PRO A 94 -5.58 34.17 -16.39
N GLN A 95 -5.69 33.65 -15.17
CA GLN A 95 -6.74 34.09 -14.26
C GLN A 95 -6.42 35.35 -13.47
N LYS A 96 -7.47 36.14 -13.21
CA LYS A 96 -7.37 37.40 -12.49
C LYS A 96 -7.20 37.32 -10.98
N SER A 97 -8.06 36.56 -10.31
CA SER A 97 -7.97 36.43 -8.85
C SER A 97 -8.30 35.06 -8.29
N LEU A 98 -7.88 34.85 -7.04
CA LEU A 98 -8.09 33.63 -6.30
C LEU A 98 -9.37 32.95 -6.75
N GLU A 99 -10.51 33.50 -6.32
CA GLU A 99 -11.82 32.95 -6.66
C GLU A 99 -11.93 32.50 -8.11
N GLU A 100 -11.12 33.13 -8.97
CA GLU A 100 -11.13 32.80 -10.39
C GLU A 100 -10.04 31.76 -10.71
N PHE A 101 -8.89 31.91 -10.06
CA PHE A 101 -7.75 31.02 -10.26
C PHE A 101 -8.11 29.54 -10.39
N GLN A 102 -7.40 28.85 -11.27
CA GLN A 102 -7.62 27.42 -11.47
C GLN A 102 -6.68 26.84 -12.54
N ASP A 103 -5.73 27.64 -13.01
CA ASP A 103 -4.79 27.20 -14.03
C ASP A 103 -3.39 27.81 -13.91
N VAL A 104 -2.38 26.95 -13.93
CA VAL A 104 -0.98 27.39 -13.82
C VAL A 104 -0.17 26.90 -15.01
N TYR A 105 0.52 27.82 -15.66
CA TYR A 105 1.36 27.52 -16.80
C TYR A 105 2.83 27.61 -16.41
N ILE A 106 3.64 26.70 -16.93
CA ILE A 106 5.06 26.68 -16.63
C ILE A 106 5.87 26.76 -17.90
N VAL A 107 6.79 27.74 -17.95
CA VAL A 107 7.64 27.94 -19.11
C VAL A 107 9.09 27.60 -18.79
N MET A 108 9.65 26.63 -19.52
CA MET A 108 11.02 26.20 -19.28
C MET A 108 11.80 26.31 -20.55
N GLU A 109 13.12 26.11 -20.46
CA GLU A 109 13.99 26.16 -21.64
C GLU A 109 13.38 25.14 -22.60
N LEU A 110 14.03 24.88 -23.72
CA LEU A 110 13.47 23.92 -24.67
C LEU A 110 14.54 23.16 -25.41
N MET A 111 14.61 21.86 -25.13
CA MET A 111 15.59 20.98 -25.75
C MET A 111 15.07 20.32 -27.01
N ASP A 112 16.00 19.94 -27.89
CA ASP A 112 15.62 19.32 -29.13
C ASP A 112 14.82 18.04 -28.98
N ALA A 113 15.27 17.14 -28.12
CA ALA A 113 14.58 15.88 -27.94
C ALA A 113 14.76 15.12 -26.62
N ASN A 114 14.02 14.02 -26.52
CA ASN A 114 14.01 13.14 -25.37
C ASN A 114 14.96 11.94 -25.55
N LEU A 115 15.59 11.54 -24.45
CA LEU A 115 16.53 10.40 -24.42
C LEU A 115 16.11 9.19 -25.27
N CYS A 116 14.81 8.99 -25.42
CA CYS A 116 14.32 7.87 -26.22
C CYS A 116 14.98 8.02 -27.57
N GLN A 117 15.20 9.28 -27.96
CA GLN A 117 15.81 9.57 -29.23
C GLN A 117 17.21 9.03 -29.32
N VAL A 118 17.98 9.17 -28.24
CA VAL A 118 19.35 8.66 -28.19
C VAL A 118 19.33 7.14 -28.17
N ILE A 119 18.40 6.60 -27.40
CA ILE A 119 18.27 5.15 -27.29
C ILE A 119 18.01 4.51 -28.65
N GLN A 120 17.57 5.30 -29.62
CA GLN A 120 17.30 4.76 -30.94
C GLN A 120 18.47 4.98 -31.89
N MET A 121 19.64 5.27 -31.32
CA MET A 121 20.83 5.50 -32.12
C MET A 121 22.06 4.97 -31.40
N GLU A 122 23.13 4.74 -32.15
CA GLU A 122 24.37 4.25 -31.57
C GLU A 122 25.17 5.45 -31.16
N LEU A 123 25.81 5.36 -30.01
CA LEU A 123 26.66 6.43 -29.50
C LEU A 123 28.06 5.85 -29.54
N ASP A 124 29.06 6.65 -29.20
CA ASP A 124 30.42 6.16 -29.11
C ASP A 124 30.73 6.47 -27.66
N HIS A 125 31.69 5.79 -27.07
CA HIS A 125 31.99 6.03 -25.67
C HIS A 125 31.88 7.50 -25.28
N GLU A 126 32.76 8.32 -25.84
CA GLU A 126 32.77 9.75 -25.57
C GLU A 126 31.34 10.29 -25.32
N ARG A 127 30.45 10.12 -26.31
CA ARG A 127 29.08 10.61 -26.16
C ARG A 127 28.39 10.04 -24.92
N MET A 128 28.06 8.75 -25.02
CA MET A 128 27.38 8.02 -23.96
C MET A 128 27.97 8.24 -22.58
N SER A 129 29.26 8.47 -22.52
CA SER A 129 29.87 8.72 -21.22
C SER A 129 29.60 10.15 -20.79
N TYR A 130 29.73 11.10 -21.73
CA TYR A 130 29.48 12.50 -21.39
C TYR A 130 28.05 12.72 -20.92
N LEU A 131 27.10 12.20 -21.68
CA LEU A 131 25.68 12.31 -21.34
C LEU A 131 25.44 11.77 -19.93
N LEU A 132 25.85 10.52 -19.74
CA LEU A 132 25.70 9.81 -18.47
C LEU A 132 26.27 10.71 -17.39
N TYR A 133 27.38 11.36 -17.74
CA TYR A 133 28.05 12.26 -16.82
C TYR A 133 27.08 13.36 -16.47
N GLN A 134 26.68 14.11 -17.49
CA GLN A 134 25.74 15.20 -17.29
C GLN A 134 24.55 14.73 -16.45
N MET A 135 23.91 13.66 -16.90
CA MET A 135 22.77 13.12 -16.18
C MET A 135 23.12 12.97 -14.70
N LEU A 136 24.28 12.40 -14.42
CA LEU A 136 24.73 12.19 -13.04
C LEU A 136 24.96 13.47 -12.26
N CYS A 137 25.36 14.55 -12.95
CA CYS A 137 25.59 15.81 -12.26
C CYS A 137 24.23 16.35 -11.82
N GLY A 138 23.27 16.34 -12.75
CA GLY A 138 21.95 16.83 -12.44
C GLY A 138 21.39 16.22 -11.17
N ILE A 139 21.39 14.89 -11.11
CA ILE A 139 20.88 14.14 -9.97
C ILE A 139 21.61 14.59 -8.70
N LYS A 140 22.93 14.49 -8.73
CA LYS A 140 23.78 14.89 -7.62
C LYS A 140 23.25 16.17 -7.01
N HIS A 141 23.27 17.24 -7.80
CA HIS A 141 22.82 18.53 -7.31
C HIS A 141 21.53 18.36 -6.54
N LEU A 142 20.60 17.60 -7.09
CA LEU A 142 19.36 17.38 -6.39
C LEU A 142 19.61 16.70 -5.05
N HIS A 143 20.33 15.58 -5.10
CA HIS A 143 20.62 14.82 -3.89
C HIS A 143 21.32 15.62 -2.81
N SER A 144 22.18 16.55 -3.20
CA SER A 144 22.89 17.35 -2.24
C SER A 144 21.93 18.12 -1.33
N ALA A 145 20.64 18.07 -1.66
CA ALA A 145 19.64 18.76 -0.86
C ALA A 145 18.65 17.75 -0.26
N GLY A 146 19.03 16.48 -0.32
CA GLY A 146 18.18 15.43 0.22
C GLY A 146 16.99 15.24 -0.68
N ILE A 147 17.01 15.94 -1.81
CA ILE A 147 15.93 15.91 -2.78
C ILE A 147 16.06 14.77 -3.78
N ILE A 148 15.15 13.80 -3.73
CA ILE A 148 15.21 12.70 -4.67
C ILE A 148 14.21 12.92 -5.78
N HIS A 149 14.50 12.36 -6.94
CA HIS A 149 13.63 12.51 -8.09
C HIS A 149 12.62 11.39 -8.18
N ARG A 150 13.00 10.20 -7.72
CA ARG A 150 12.10 9.05 -7.73
C ARG A 150 11.60 8.59 -9.08
N ASP A 151 11.57 9.48 -10.07
CA ASP A 151 11.06 9.07 -11.37
C ASP A 151 11.92 9.43 -12.57
N LEU A 152 13.12 8.86 -12.64
CA LEU A 152 13.99 9.13 -13.77
C LEU A 152 13.68 8.11 -14.85
N LYS A 153 13.86 8.51 -16.10
CA LYS A 153 13.59 7.65 -17.26
C LYS A 153 13.81 8.46 -18.53
N PRO A 154 13.99 7.78 -19.67
CA PRO A 154 14.21 8.54 -20.90
C PRO A 154 13.24 9.71 -20.97
N SER A 155 11.95 9.40 -20.92
CA SER A 155 10.89 10.39 -20.99
C SER A 155 11.18 11.72 -20.24
N ASN A 156 11.99 11.68 -19.18
CA ASN A 156 12.29 12.86 -18.39
C ASN A 156 13.69 13.36 -18.56
N ILE A 157 14.27 13.07 -19.71
CA ILE A 157 15.61 13.54 -19.95
C ILE A 157 15.68 14.06 -21.36
N VAL A 158 16.27 15.24 -21.51
CA VAL A 158 16.35 15.85 -22.82
C VAL A 158 17.74 16.28 -23.26
N VAL A 159 17.98 16.14 -24.56
CA VAL A 159 19.24 16.49 -25.19
C VAL A 159 19.12 17.66 -26.16
N LYS A 160 20.27 18.12 -26.62
CA LYS A 160 20.33 19.24 -27.55
C LYS A 160 21.34 18.89 -28.64
N SER A 161 21.16 19.49 -29.82
CA SER A 161 22.06 19.26 -30.93
C SER A 161 23.52 19.32 -30.46
N ASP A 162 23.82 20.14 -29.45
CA ASP A 162 25.19 20.23 -28.95
C ASP A 162 25.59 19.20 -27.90
N CYS A 163 24.75 18.17 -27.77
CA CYS A 163 24.99 17.05 -26.85
C CYS A 163 25.00 17.33 -25.32
N THR A 164 24.14 18.24 -24.86
CA THR A 164 24.05 18.56 -23.43
C THR A 164 22.83 17.87 -22.89
N LEU A 165 22.89 17.50 -21.62
CA LEU A 165 21.78 16.78 -21.00
C LEU A 165 21.09 17.59 -19.93
N LYS A 166 19.76 17.54 -19.93
CA LYS A 166 19.00 18.26 -18.91
C LYS A 166 17.85 17.43 -18.36
N ILE A 167 17.81 17.34 -17.03
CA ILE A 167 16.81 16.58 -16.27
C ILE A 167 15.44 17.23 -16.29
N LEU A 168 14.40 16.42 -16.18
CA LEU A 168 13.07 16.98 -16.25
C LEU A 168 12.03 16.40 -15.31
N ASP A 169 11.09 17.25 -14.90
CA ASP A 169 9.97 16.88 -14.02
C ASP A 169 10.31 16.71 -12.56
N PHE A 170 9.45 17.23 -11.70
CA PHE A 170 9.69 17.15 -10.26
C PHE A 170 8.45 16.82 -9.45
N GLY A 171 7.42 16.32 -10.13
CA GLY A 171 6.19 15.99 -9.44
C GLY A 171 6.48 15.06 -8.29
N LEU A 172 6.96 13.87 -8.63
CA LEU A 172 7.27 12.88 -7.62
C LEU A 172 8.52 13.23 -6.86
N ALA A 173 9.17 14.33 -7.22
CA ALA A 173 10.38 14.71 -6.51
C ALA A 173 10.03 14.88 -5.05
N ARG A 174 10.87 14.37 -4.16
CA ARG A 174 10.62 14.51 -2.73
C ARG A 174 11.90 14.20 -1.94
N THR A 175 11.84 14.37 -0.62
CA THR A 175 13.01 14.15 0.22
C THR A 175 13.07 12.82 0.96
N ALA A 176 14.18 12.63 1.68
CA ALA A 176 14.45 11.42 2.46
C ALA A 176 13.62 10.22 2.05
N GLY A 177 12.41 10.10 2.61
CA GLY A 177 11.54 8.98 2.26
C GLY A 177 10.99 8.25 3.47
N THR A 178 10.20 8.97 4.26
CA THR A 178 9.57 8.45 5.49
C THR A 178 9.38 6.94 5.57
N SER A 179 8.98 6.33 4.46
CA SER A 179 8.77 4.88 4.39
C SER A 179 8.64 4.46 2.93
N PHE A 180 7.62 3.65 2.64
CA PHE A 180 7.38 3.19 1.28
C PHE A 180 6.21 3.97 0.68
N MET A 181 6.20 5.28 0.93
CA MET A 181 5.16 6.18 0.43
C MET A 181 3.76 5.61 0.63
N MET A 182 2.83 6.08 -0.17
CA MET A 182 1.45 5.62 -0.12
C MET A 182 1.12 4.86 -1.40
N GLU A 183 1.33 5.50 -2.55
CA GLU A 183 1.07 4.90 -3.84
C GLU A 183 2.38 4.58 -4.53
N PRO A 184 2.97 3.41 -4.23
CA PRO A 184 4.23 3.00 -4.86
C PRO A 184 4.04 2.63 -6.32
N GLU A 185 2.93 3.09 -6.88
CA GLU A 185 2.58 2.84 -8.27
C GLU A 185 2.97 4.05 -9.10
N VAL A 186 2.91 5.22 -8.48
CA VAL A 186 3.21 6.49 -9.11
C VAL A 186 4.50 6.54 -9.94
N VAL A 187 5.54 5.84 -9.51
CA VAL A 187 6.79 5.86 -10.28
C VAL A 187 6.65 4.93 -11.50
N THR A 188 7.22 5.32 -12.62
CA THR A 188 7.10 4.52 -13.84
C THR A 188 7.64 3.10 -13.71
N ARG A 189 6.78 2.12 -13.92
CA ARG A 189 7.13 0.69 -13.80
C ARG A 189 8.55 0.29 -14.17
N TYR A 190 8.77 0.01 -15.46
CA TYR A 190 10.06 -0.40 -15.98
C TYR A 190 11.30 0.13 -15.26
N TYR A 191 11.15 1.23 -14.54
CA TYR A 191 12.29 1.83 -13.85
C TYR A 191 12.19 1.83 -12.33
N ARG A 192 11.22 1.12 -11.78
CA ARG A 192 11.08 1.11 -10.34
C ARG A 192 12.22 0.30 -9.77
N ALA A 193 12.76 0.74 -8.66
CA ALA A 193 13.85 0.04 -8.02
C ALA A 193 13.29 -0.93 -7.00
N PRO A 194 13.92 -2.09 -6.85
CA PRO A 194 13.47 -3.10 -5.90
C PRO A 194 12.88 -2.50 -4.64
N GLU A 195 13.57 -1.55 -4.01
CA GLU A 195 13.02 -0.96 -2.79
C GLU A 195 11.62 -0.40 -3.00
N VAL A 196 11.35 0.05 -4.22
CA VAL A 196 10.05 0.61 -4.54
C VAL A 196 9.01 -0.50 -4.82
N ILE A 197 9.41 -1.48 -5.63
CA ILE A 197 8.52 -2.59 -5.99
C ILE A 197 8.08 -3.34 -4.76
N LEU A 198 9.05 -3.75 -3.96
CA LEU A 198 8.76 -4.50 -2.73
C LEU A 198 8.39 -3.57 -1.58
N GLY A 199 7.93 -2.36 -1.94
CA GLY A 199 7.54 -1.36 -0.97
C GLY A 199 8.38 -1.39 0.28
N MET A 200 9.62 -0.91 0.21
CA MET A 200 10.51 -0.92 1.35
C MET A 200 10.80 0.45 1.96
N GLY A 201 11.07 1.41 1.10
CA GLY A 201 11.42 2.72 1.59
C GLY A 201 12.73 3.02 0.91
N TYR A 202 12.78 4.15 0.19
CA TYR A 202 13.95 4.54 -0.56
C TYR A 202 14.93 5.50 0.10
N LYS A 203 16.15 5.53 -0.46
CA LYS A 203 17.25 6.40 -0.03
C LYS A 203 17.62 7.18 -1.29
N GLU A 204 18.66 8.00 -1.22
CA GLU A 204 19.08 8.81 -2.37
C GLU A 204 19.27 7.96 -3.62
N ASN A 205 20.14 6.95 -3.49
CA ASN A 205 20.47 6.06 -4.58
C ASN A 205 19.34 5.36 -5.30
N VAL A 206 18.10 5.55 -4.83
CA VAL A 206 16.98 4.93 -5.53
C VAL A 206 17.05 5.42 -6.97
N ASP A 207 17.43 6.69 -7.13
CA ASP A 207 17.56 7.26 -8.46
C ASP A 207 18.62 6.48 -9.24
N LEU A 208 19.75 6.22 -8.59
CA LEU A 208 20.83 5.51 -9.24
C LEU A 208 20.32 4.23 -9.88
N TRP A 209 19.32 3.60 -9.30
CA TRP A 209 18.85 2.39 -9.92
C TRP A 209 18.25 2.78 -11.24
N SER A 210 17.34 3.74 -11.23
CA SER A 210 16.72 4.15 -12.48
C SER A 210 17.83 4.42 -13.50
N VAL A 211 18.89 5.07 -13.04
CA VAL A 211 19.99 5.41 -13.94
C VAL A 211 20.49 4.16 -14.63
N GLY A 212 20.46 3.04 -13.93
CA GLY A 212 20.92 1.81 -14.53
C GLY A 212 20.02 1.42 -15.67
N CYS A 213 18.74 1.33 -15.36
CA CYS A 213 17.71 0.96 -16.31
C CYS A 213 17.84 1.79 -17.57
N ILE A 214 18.20 3.05 -17.38
CA ILE A 214 18.38 3.95 -18.50
C ILE A 214 19.63 3.55 -19.29
N MET A 215 20.80 3.72 -18.71
CA MET A 215 22.03 3.36 -19.42
C MET A 215 21.89 2.00 -20.13
N GLY A 216 21.38 1.02 -19.42
CA GLY A 216 21.22 -0.28 -20.04
C GLY A 216 20.41 -0.15 -21.31
N GLU A 217 19.25 0.47 -21.18
CA GLU A 217 18.35 0.69 -22.31
C GLU A 217 19.13 1.41 -23.42
N MET A 218 19.94 2.38 -23.02
CA MET A 218 20.73 3.11 -23.99
C MET A 218 21.71 2.18 -24.67
N VAL A 219 22.10 1.13 -23.97
CA VAL A 219 23.04 0.17 -24.54
C VAL A 219 22.39 -0.87 -25.42
N CYS A 220 21.33 -1.48 -24.90
CA CYS A 220 20.62 -2.53 -25.61
C CYS A 220 19.64 -2.02 -26.65
N HIS A 221 19.15 -0.81 -26.45
CA HIS A 221 18.18 -0.20 -27.37
C HIS A 221 16.75 -0.70 -27.12
N LYS A 222 16.56 -1.40 -26.01
CA LYS A 222 15.26 -1.91 -25.61
C LYS A 222 15.19 -1.86 -24.08
N ILE A 223 13.97 -1.83 -23.54
CA ILE A 223 13.84 -1.77 -22.10
C ILE A 223 14.49 -2.95 -21.43
N LEU A 224 15.22 -2.66 -20.36
CA LEU A 224 15.92 -3.71 -19.62
C LEU A 224 14.94 -4.67 -18.95
N PHE A 225 14.25 -4.19 -17.92
CA PHE A 225 13.31 -5.04 -17.20
C PHE A 225 11.85 -4.73 -17.47
N PRO A 226 11.34 -5.15 -18.63
CA PRO A 226 9.96 -4.97 -19.11
C PRO A 226 8.97 -5.25 -18.01
N GLY A 227 7.98 -6.08 -18.29
CA GLY A 227 7.08 -6.36 -17.20
C GLY A 227 5.63 -6.07 -17.44
N ARG A 228 4.90 -7.14 -17.76
CA ARG A 228 3.49 -7.07 -18.06
C ARG A 228 2.60 -6.41 -16.99
N ASP A 229 3.09 -6.24 -15.76
CA ASP A 229 2.28 -5.59 -14.70
C ASP A 229 3.05 -5.23 -13.43
N TYR A 230 2.38 -4.57 -12.50
CA TYR A 230 3.05 -4.14 -11.27
C TYR A 230 3.80 -5.24 -10.55
N ILE A 231 3.37 -6.48 -10.73
CA ILE A 231 4.05 -7.56 -10.06
C ILE A 231 5.04 -8.30 -10.94
N ASP A 232 4.72 -8.47 -12.20
CA ASP A 232 5.65 -9.19 -13.07
C ASP A 232 6.95 -8.43 -13.11
N GLN A 233 6.92 -7.17 -12.68
CA GLN A 233 8.13 -6.37 -12.68
C GLN A 233 9.20 -7.11 -11.88
N TRP A 234 8.93 -7.41 -10.61
CA TRP A 234 9.90 -8.12 -9.79
C TRP A 234 10.45 -9.34 -10.51
N ASN A 235 9.57 -10.07 -11.19
CA ASN A 235 9.97 -11.26 -11.93
C ASN A 235 11.01 -10.96 -12.98
N LYS A 236 10.76 -9.95 -13.80
CA LYS A 236 11.71 -9.62 -14.86
C LYS A 236 13.06 -9.24 -14.27
N VAL A 237 13.04 -8.63 -13.09
CA VAL A 237 14.28 -8.23 -12.43
C VAL A 237 15.11 -9.41 -11.96
N ILE A 238 14.48 -10.32 -11.24
CA ILE A 238 15.21 -11.47 -10.71
C ILE A 238 15.61 -12.42 -11.80
N GLU A 239 14.75 -12.59 -12.80
CA GLU A 239 15.11 -13.50 -13.86
C GLU A 239 16.40 -12.99 -14.44
N GLN A 240 16.69 -11.71 -14.18
CA GLN A 240 17.90 -11.13 -14.72
C GLN A 240 19.11 -11.10 -13.82
N LEU A 241 18.99 -10.48 -12.67
CA LEU A 241 20.11 -10.39 -11.75
C LEU A 241 20.17 -11.54 -10.78
N GLY A 242 19.13 -12.37 -10.79
CA GLY A 242 19.09 -13.50 -9.89
C GLY A 242 18.52 -13.11 -8.54
N THR A 243 17.83 -14.05 -7.91
CA THR A 243 17.23 -13.85 -6.59
C THR A 243 18.14 -13.14 -5.61
N PRO A 244 17.67 -12.07 -4.97
CA PRO A 244 18.52 -11.38 -4.01
C PRO A 244 18.85 -12.33 -2.86
N CYS A 245 19.95 -12.08 -2.14
CA CYS A 245 20.36 -12.94 -1.03
C CYS A 245 19.53 -12.72 0.22
N PRO A 246 19.55 -13.69 1.15
CA PRO A 246 18.80 -13.59 2.41
C PRO A 246 18.94 -12.25 3.11
N GLU A 247 20.17 -11.81 3.29
CA GLU A 247 20.38 -10.54 3.96
C GLU A 247 19.29 -9.55 3.48
N PHE A 248 19.10 -9.43 2.16
CA PHE A 248 18.10 -8.53 1.60
C PHE A 248 16.69 -8.96 1.97
N MET A 249 16.39 -10.26 1.83
CA MET A 249 15.07 -10.76 2.18
C MET A 249 14.70 -10.30 3.57
N LYS A 250 15.62 -10.52 4.52
CA LYS A 250 15.39 -10.14 5.91
C LYS A 250 14.97 -8.68 6.05
N LYS A 251 15.33 -7.85 5.08
CA LYS A 251 14.98 -6.43 5.12
C LYS A 251 13.57 -6.15 4.61
N LEU A 252 12.94 -7.15 4.01
CA LEU A 252 11.58 -7.01 3.46
C LEU A 252 10.49 -7.08 4.52
N GLN A 253 9.37 -6.38 4.27
CA GLN A 253 8.25 -6.43 5.21
C GLN A 253 7.86 -7.90 5.33
N PRO A 254 7.19 -8.28 6.43
CA PRO A 254 6.76 -9.68 6.62
C PRO A 254 5.91 -10.28 5.50
N THR A 255 5.00 -9.50 4.94
CA THR A 255 4.16 -10.02 3.89
C THR A 255 4.90 -10.14 2.58
N VAL A 256 5.57 -9.05 2.21
CA VAL A 256 6.33 -9.04 0.96
C VAL A 256 7.34 -10.17 1.01
N ARG A 257 8.08 -10.21 2.12
CA ARG A 257 9.11 -11.23 2.32
C ARG A 257 8.63 -12.57 1.82
N THR A 258 7.58 -13.07 2.46
CA THR A 258 7.00 -14.36 2.10
C THR A 258 6.91 -14.55 0.59
N TYR A 259 6.05 -13.76 -0.05
CA TYR A 259 5.89 -13.84 -1.48
C TYR A 259 7.22 -13.88 -2.21
N VAL A 260 8.10 -12.93 -1.93
CA VAL A 260 9.39 -12.87 -2.58
C VAL A 260 10.15 -14.18 -2.51
N GLU A 261 10.09 -14.82 -1.34
CA GLU A 261 10.77 -16.08 -1.14
C GLU A 261 10.06 -17.25 -1.79
N ASN A 262 8.75 -17.14 -2.02
CA ASN A 262 8.00 -18.21 -2.63
C ASN A 262 8.20 -18.27 -4.14
N ARG A 263 8.96 -17.34 -4.69
CA ARG A 263 9.15 -17.32 -6.15
C ARG A 263 10.16 -18.34 -6.60
N PRO A 264 10.26 -18.57 -7.91
CA PRO A 264 11.26 -19.54 -8.37
C PRO A 264 12.64 -18.99 -8.01
N LYS A 265 13.61 -19.87 -7.85
CA LYS A 265 14.93 -19.39 -7.49
C LYS A 265 15.74 -19.15 -8.74
N TYR A 266 15.85 -17.89 -9.14
CA TYR A 266 16.63 -17.57 -10.32
C TYR A 266 18.08 -17.26 -9.95
N ALA A 267 18.99 -17.80 -10.74
CA ALA A 267 20.39 -17.56 -10.52
C ALA A 267 20.77 -16.17 -11.00
N GLY A 268 20.37 -15.86 -12.24
CA GLY A 268 20.70 -14.58 -12.83
C GLY A 268 21.81 -14.78 -13.85
N TYR A 269 22.09 -13.77 -14.67
CA TYR A 269 23.15 -13.93 -15.66
C TYR A 269 24.26 -12.95 -15.39
N SER A 270 25.48 -13.33 -15.74
CA SER A 270 26.63 -12.46 -15.57
C SER A 270 26.51 -11.25 -16.51
N PHE A 271 26.93 -10.09 -16.04
CA PHE A 271 26.84 -8.88 -16.84
C PHE A 271 27.56 -8.97 -18.17
N GLU A 272 28.48 -9.93 -18.28
CA GLU A 272 29.24 -10.14 -19.50
C GLU A 272 28.26 -10.69 -20.52
N LYS A 273 27.26 -11.42 -20.04
CA LYS A 273 26.26 -12.00 -20.92
C LYS A 273 25.02 -11.12 -21.02
N LEU A 274 24.83 -10.23 -20.04
CA LEU A 274 23.68 -9.34 -20.06
C LEU A 274 24.00 -8.21 -21.02
N PHE A 275 25.28 -7.92 -21.11
CA PHE A 275 25.74 -6.85 -21.95
C PHE A 275 27.04 -7.29 -22.57
N PRO A 276 26.96 -8.18 -23.54
CA PRO A 276 28.20 -8.65 -24.18
C PRO A 276 28.91 -7.49 -24.86
N ASP A 277 30.23 -7.42 -24.70
CA ASP A 277 31.05 -6.35 -25.27
C ASP A 277 30.53 -5.70 -26.56
N VAL A 278 29.99 -6.50 -27.48
CA VAL A 278 29.48 -5.97 -28.73
C VAL A 278 28.52 -4.81 -28.55
N LEU A 279 27.45 -5.05 -27.82
CA LEU A 279 26.44 -4.03 -27.57
C LEU A 279 26.99 -2.66 -27.20
N PHE A 280 28.16 -2.64 -26.55
CA PHE A 280 28.79 -1.39 -26.14
C PHE A 280 29.50 -0.68 -27.29
N PRO A 281 29.47 0.64 -27.27
CA PRO A 281 30.13 1.41 -28.33
C PRO A 281 31.52 0.83 -28.55
N ALA A 282 31.90 0.71 -29.82
CA ALA A 282 33.20 0.15 -30.19
C ALA A 282 34.35 0.69 -29.34
N ASP A 283 34.99 -0.20 -28.58
CA ASP A 283 36.13 0.19 -27.75
C ASP A 283 37.25 0.75 -28.60
N SER A 284 38.12 1.53 -27.98
CA SER A 284 39.25 2.11 -28.68
C SER A 284 40.46 1.34 -28.20
N GLU A 285 41.32 2.03 -27.49
CA GLU A 285 42.52 1.45 -26.89
C GLU A 285 42.60 2.15 -25.55
N HIS A 286 41.87 3.26 -25.47
CA HIS A 286 41.81 4.05 -24.25
C HIS A 286 41.24 3.16 -23.15
N ASN A 287 41.74 3.34 -21.92
CA ASN A 287 41.31 2.51 -20.79
C ASN A 287 40.04 2.90 -20.04
N LYS A 288 39.91 4.17 -19.65
CA LYS A 288 38.72 4.58 -18.94
C LYS A 288 37.49 4.39 -19.84
N LEU A 289 37.55 4.86 -21.08
CA LEU A 289 36.41 4.71 -21.98
C LEU A 289 36.44 3.36 -22.72
N LYS A 290 36.08 2.32 -21.98
CA LYS A 290 36.09 0.94 -22.48
C LYS A 290 34.82 0.17 -22.07
N ALA A 291 34.38 -0.75 -22.93
CA ALA A 291 33.18 -1.53 -22.63
C ALA A 291 33.32 -2.09 -21.21
N SER A 292 34.49 -2.64 -20.92
CA SER A 292 34.80 -3.20 -19.60
C SER A 292 34.33 -2.25 -18.52
N GLN A 293 34.87 -1.05 -18.55
CA GLN A 293 34.52 -0.03 -17.56
C GLN A 293 33.04 0.30 -17.59
N ALA A 294 32.51 0.60 -18.76
CA ALA A 294 31.10 0.95 -18.84
C ALA A 294 30.27 -0.17 -18.25
N ARG A 295 30.60 -1.40 -18.62
CA ARG A 295 29.87 -2.54 -18.11
C ARG A 295 29.95 -2.59 -16.58
N ASP A 296 31.12 -2.25 -16.04
CA ASP A 296 31.36 -2.27 -14.60
C ASP A 296 30.45 -1.28 -13.87
N LEU A 297 30.27 -0.09 -14.43
CA LEU A 297 29.41 0.86 -13.74
C LEU A 297 28.09 0.14 -13.54
N LEU A 298 27.45 -0.21 -14.66
CA LEU A 298 26.17 -0.92 -14.65
C LEU A 298 26.02 -1.87 -13.47
N SER A 299 26.95 -2.82 -13.40
CA SER A 299 26.94 -3.79 -12.35
C SER A 299 26.91 -3.13 -10.97
N LYS A 300 27.45 -1.92 -10.85
CA LYS A 300 27.42 -1.27 -9.54
C LYS A 300 26.14 -0.47 -9.30
N MET A 301 25.34 -0.31 -10.34
CA MET A 301 24.09 0.41 -10.21
C MET A 301 22.94 -0.58 -10.20
N LEU A 302 22.98 -1.55 -11.11
CA LEU A 302 21.90 -2.52 -11.16
C LEU A 302 22.00 -3.51 -10.00
N VAL A 303 21.90 -2.99 -8.80
CA VAL A 303 22.00 -3.83 -7.63
C VAL A 303 20.70 -3.86 -6.84
N ILE A 304 20.25 -5.06 -6.49
CA ILE A 304 18.99 -5.17 -5.78
C ILE A 304 19.03 -4.58 -4.39
N ASP A 305 20.07 -4.92 -3.63
CA ASP A 305 20.20 -4.41 -2.27
C ASP A 305 20.78 -3.00 -2.32
N ALA A 306 19.91 -2.01 -2.23
CA ALA A 306 20.30 -0.60 -2.30
C ALA A 306 21.53 -0.27 -1.43
N SER A 307 21.56 -0.84 -0.22
CA SER A 307 22.65 -0.61 0.70
C SER A 307 23.98 -0.95 0.05
N LYS A 308 23.90 -1.65 -1.08
CA LYS A 308 25.09 -2.07 -1.80
C LYS A 308 25.18 -1.41 -3.17
N ARG A 309 24.30 -0.45 -3.45
CA ARG A 309 24.30 0.21 -4.75
C ARG A 309 25.06 1.53 -4.78
N ILE A 310 26.12 1.53 -5.57
CA ILE A 310 26.98 2.70 -5.78
C ILE A 310 26.24 4.03 -5.61
N SER A 311 26.68 4.85 -4.66
CA SER A 311 26.06 6.16 -4.45
C SER A 311 26.35 7.05 -5.64
N VAL A 312 25.71 8.22 -5.69
CA VAL A 312 25.89 9.12 -6.81
C VAL A 312 27.35 9.50 -7.01
N ASP A 313 27.99 10.03 -5.97
CA ASP A 313 29.39 10.43 -6.06
C ASP A 313 30.23 9.29 -6.65
N GLU A 314 30.18 8.13 -6.00
CA GLU A 314 30.92 6.94 -6.43
C GLU A 314 30.77 6.77 -7.94
N ALA A 315 29.60 7.14 -8.45
CA ALA A 315 29.35 7.04 -9.88
C ALA A 315 30.20 8.08 -10.57
N LEU A 316 29.98 9.35 -10.20
CA LEU A 316 30.72 10.46 -10.78
C LEU A 316 32.24 10.25 -10.74
N GLN A 317 32.70 9.37 -9.85
CA GLN A 317 34.13 9.07 -9.72
C GLN A 317 34.57 7.83 -10.52
N HIS A 318 33.63 6.95 -10.85
CA HIS A 318 33.95 5.76 -11.61
C HIS A 318 34.57 6.06 -12.99
N PRO A 319 35.65 5.33 -13.34
CA PRO A 319 36.45 5.37 -14.55
C PRO A 319 35.75 5.62 -15.88
N TYR A 320 34.44 5.39 -15.96
CA TYR A 320 33.79 5.58 -17.24
C TYR A 320 33.21 6.97 -17.34
N ILE A 321 33.02 7.60 -16.20
CA ILE A 321 32.44 8.93 -16.15
C ILE A 321 33.51 9.90 -15.66
N ASN A 322 34.56 9.34 -15.08
CA ASN A 322 35.62 10.14 -14.50
C ASN A 322 36.29 11.13 -15.45
N VAL A 323 36.53 10.71 -16.69
CA VAL A 323 37.20 11.59 -17.64
C VAL A 323 36.54 12.94 -17.88
N TRP A 324 35.42 13.22 -17.26
CA TRP A 324 34.77 14.49 -17.53
C TRP A 324 34.69 15.38 -16.28
N TYR A 325 35.03 14.79 -15.14
CA TYR A 325 34.94 15.49 -13.87
C TYR A 325 35.42 16.92 -13.86
N ASP A 326 34.68 17.75 -13.13
CA ASP A 326 34.99 19.19 -12.95
C ASP A 326 34.26 19.69 -11.71
N PRO A 327 35.02 20.03 -10.66
CA PRO A 327 34.48 20.50 -9.39
C PRO A 327 33.19 21.28 -9.55
N SER A 328 33.26 22.36 -10.32
CA SER A 328 32.13 23.23 -10.59
C SER A 328 30.83 22.49 -10.90
N GLU A 329 30.90 21.52 -11.80
CA GLU A 329 29.70 20.77 -12.17
C GLU A 329 29.32 19.71 -11.15
N ALA A 330 30.29 18.94 -10.70
CA ALA A 330 30.02 17.86 -9.75
C ALA A 330 29.83 18.33 -8.33
N GLU A 331 30.88 18.90 -7.75
CA GLU A 331 30.85 19.36 -6.36
C GLU A 331 30.16 20.70 -6.16
N ALA A 332 29.26 21.07 -7.08
CA ALA A 332 28.58 22.35 -6.96
C ALA A 332 27.99 22.62 -5.57
N PRO A 333 27.55 23.87 -5.33
CA PRO A 333 26.96 24.24 -4.04
C PRO A 333 25.52 23.74 -4.01
N PRO A 334 25.12 23.20 -2.85
CA PRO A 334 23.77 22.66 -2.63
C PRO A 334 22.68 23.69 -2.83
N PRO A 335 21.61 23.36 -3.58
CA PRO A 335 20.54 24.34 -3.77
C PRO A 335 19.85 24.48 -2.41
N LYS A 336 19.09 25.55 -2.22
CA LYS A 336 18.43 25.71 -0.93
C LYS A 336 16.95 25.96 -1.01
N ILE A 337 16.18 25.00 -0.49
CA ILE A 337 14.74 25.11 -0.43
C ILE A 337 14.48 25.73 0.94
N PRO A 338 13.57 26.69 1.01
CA PRO A 338 13.23 27.36 2.27
C PRO A 338 13.10 26.38 3.44
N ASP A 339 11.92 25.75 3.50
CA ASP A 339 11.56 24.78 4.54
C ASP A 339 10.04 24.78 4.52
N LYS A 340 9.51 25.52 3.56
CA LYS A 340 8.09 25.68 3.35
C LYS A 340 7.56 24.38 2.76
N GLN A 341 8.25 23.91 1.73
CA GLN A 341 7.88 22.68 1.04
C GLN A 341 8.08 21.42 1.85
N LEU A 342 7.00 20.66 2.00
CA LEU A 342 7.02 19.40 2.73
C LEU A 342 6.53 18.32 1.77
N ASP A 343 7.06 17.10 1.90
CA ASP A 343 6.69 16.00 1.04
C ASP A 343 5.67 15.06 1.67
N GLU A 344 5.32 15.33 2.93
CA GLU A 344 4.36 14.51 3.64
C GLU A 344 3.20 15.33 4.20
N ARG A 345 3.34 16.66 4.16
CA ARG A 345 2.30 17.57 4.65
C ARG A 345 0.97 17.22 3.99
N GLU A 346 -0.12 17.71 4.55
CA GLU A 346 -1.44 17.44 4.01
C GLU A 346 -2.43 18.55 4.35
N HIS A 347 -2.95 19.21 3.32
CA HIS A 347 -3.91 20.30 3.52
C HIS A 347 -5.23 19.96 2.84
N THR A 348 -6.01 20.99 2.54
CA THR A 348 -7.31 20.80 1.91
C THR A 348 -7.34 21.32 0.48
N ILE A 349 -8.13 20.68 -0.38
CA ILE A 349 -8.25 21.10 -1.77
C ILE A 349 -8.11 22.60 -1.86
N GLU A 350 -8.86 23.31 -1.02
CA GLU A 350 -8.83 24.77 -0.99
C GLU A 350 -7.57 25.32 -0.34
N GLU A 351 -7.35 24.97 0.92
CA GLU A 351 -6.17 25.42 1.65
C GLU A 351 -5.01 25.51 0.65
N TRP A 352 -4.93 24.49 -0.21
CA TRP A 352 -3.89 24.43 -1.24
C TRP A 352 -4.07 25.56 -2.22
N LYS A 353 -5.20 25.54 -2.92
CA LYS A 353 -5.54 26.55 -3.92
C LYS A 353 -4.89 27.90 -3.59
N GLU A 354 -4.83 28.23 -2.31
CA GLU A 354 -4.23 29.49 -1.89
C GLU A 354 -2.73 29.49 -2.08
N LEU A 355 -2.03 28.54 -1.46
CA LEU A 355 -0.57 28.47 -1.58
C LEU A 355 -0.08 28.37 -3.01
N ILE A 356 -0.94 27.94 -3.93
CA ILE A 356 -0.56 27.82 -5.33
C ILE A 356 -0.58 29.20 -5.97
N TYR A 357 -1.46 30.07 -5.47
CA TYR A 357 -1.56 31.43 -5.97
C TYR A 357 -0.41 32.23 -5.36
N LYS A 358 -0.47 32.42 -4.04
CA LYS A 358 0.54 33.16 -3.28
C LYS A 358 1.97 32.73 -3.59
N GLU A 359 2.11 31.78 -4.52
CA GLU A 359 3.40 31.30 -4.95
C GLU A 359 3.46 31.65 -6.43
N VAL A 360 2.57 31.03 -7.22
CA VAL A 360 2.52 31.31 -8.64
C VAL A 360 2.59 32.81 -8.85
N MET A 361 2.00 33.54 -7.93
CA MET A 361 2.02 35.00 -7.99
C MET A 361 3.47 35.45 -7.97
N ASP A 362 3.98 35.71 -6.76
CA ASP A 362 5.36 36.18 -6.58
C ASP A 362 6.42 35.26 -7.19
N LEU A 363 6.24 34.92 -8.47
CA LEU A 363 7.17 34.04 -9.16
C LEU A 363 7.62 34.63 -10.51
N GLU A 364 6.74 35.40 -11.15
CA GLU A 364 7.07 35.99 -12.45
C GLU A 364 7.79 37.34 -12.39
N PRO B 2 41.48 14.20 -23.18
CA PRO B 2 40.16 13.77 -23.72
C PRO B 2 39.24 14.98 -23.65
N LYS B 3 38.53 15.28 -24.74
CA LYS B 3 37.64 16.44 -24.69
C LYS B 3 36.18 16.18 -24.98
N ARG B 4 35.35 16.98 -24.31
CA ARG B 4 33.92 16.88 -24.40
C ARG B 4 33.29 17.01 -25.78
N PRO B 5 32.36 16.11 -26.10
CA PRO B 5 31.62 16.05 -27.36
C PRO B 5 30.77 17.31 -27.50
N THR B 6 30.67 17.81 -28.72
CA THR B 6 29.92 19.04 -28.97
C THR B 6 28.78 18.86 -29.98
N THR B 7 28.75 17.72 -30.64
CA THR B 7 27.71 17.50 -31.62
C THR B 7 26.88 16.26 -31.28
N LEU B 8 25.61 16.27 -31.67
CA LEU B 8 24.75 15.11 -31.44
C LEU B 8 23.66 15.06 -32.51
N ASN B 9 23.80 14.10 -33.41
CA ASN B 9 22.86 13.90 -34.51
C ASN B 9 21.53 13.39 -33.96
N LEU B 10 20.45 14.12 -34.15
CA LEU B 10 19.17 13.66 -33.62
C LEU B 10 18.11 13.41 -34.71
N PHE B 11 18.54 12.76 -35.79
CA PHE B 11 17.68 12.47 -36.92
C PHE B 11 17.79 10.99 -37.24
N ASP C 7 4.03 -6.08 46.78
CA ASP C 7 3.19 -6.51 47.94
C ASP C 7 1.80 -5.90 47.86
N ASN C 8 1.63 -4.92 46.98
CA ASN C 8 0.33 -4.27 46.84
C ASN C 8 -0.71 -5.20 46.23
N ASN C 9 -1.79 -4.62 45.73
CA ASN C 9 -2.91 -5.36 45.14
C ASN C 9 -2.53 -6.22 43.93
N PHE C 10 -1.25 -6.28 43.59
CA PHE C 10 -0.81 -7.06 42.44
C PHE C 10 0.28 -8.09 42.71
N TYR C 11 0.22 -9.19 41.98
CA TYR C 11 1.21 -10.24 42.08
C TYR C 11 1.60 -10.61 40.67
N SER C 12 2.87 -10.93 40.48
CA SER C 12 3.37 -11.26 39.16
C SER C 12 3.68 -12.74 38.94
N VAL C 13 2.79 -13.42 38.22
CA VAL C 13 2.97 -14.83 37.92
C VAL C 13 3.54 -14.91 36.52
N GLU C 14 4.49 -15.81 36.30
CA GLU C 14 5.08 -15.92 34.98
C GLU C 14 4.30 -16.86 34.08
N ILE C 15 3.78 -16.31 32.99
CA ILE C 15 3.00 -17.05 32.02
C ILE C 15 3.80 -17.31 30.76
N GLY C 16 4.80 -18.17 30.86
CA GLY C 16 5.61 -18.49 29.70
C GLY C 16 6.91 -17.72 29.69
N ASP C 17 7.03 -16.75 28.77
CA ASP C 17 8.22 -15.92 28.64
C ASP C 17 7.96 -14.52 29.16
N SER C 18 6.71 -14.07 29.00
CA SER C 18 6.31 -12.75 29.45
C SER C 18 6.04 -12.79 30.94
N THR C 19 5.53 -11.70 31.49
CA THR C 19 5.27 -11.65 32.92
C THR C 19 4.00 -10.91 33.31
N PHE C 20 2.88 -11.62 33.37
CA PHE C 20 1.61 -11.00 33.75
C PHE C 20 1.73 -10.47 35.18
N THR C 21 0.93 -9.47 35.51
CA THR C 21 0.94 -8.91 36.84
C THR C 21 -0.48 -8.51 37.14
N VAL C 22 -1.36 -9.49 37.10
CA VAL C 22 -2.77 -9.25 37.35
C VAL C 22 -3.10 -9.06 38.83
N LEU C 23 -4.28 -8.49 39.10
CA LEU C 23 -4.74 -8.26 40.47
C LEU C 23 -4.79 -9.58 41.23
N LYS C 24 -5.09 -9.50 42.52
CA LYS C 24 -5.17 -10.68 43.34
C LYS C 24 -6.44 -11.48 43.05
N ARG C 25 -7.54 -10.81 42.78
CA ARG C 25 -8.79 -11.50 42.54
C ARG C 25 -8.72 -12.63 41.50
N TYR C 26 -7.65 -12.66 40.73
CA TYR C 26 -7.49 -13.71 39.70
C TYR C 26 -6.36 -14.63 40.08
N GLN C 27 -6.62 -15.93 40.15
CA GLN C 27 -5.55 -16.87 40.47
C GLN C 27 -5.53 -18.05 39.52
N ASN C 28 -4.43 -18.79 39.55
CA ASN C 28 -4.25 -19.96 38.69
C ASN C 28 -4.29 -19.58 37.24
N LEU C 29 -3.36 -18.74 36.82
CA LEU C 29 -3.32 -18.34 35.42
C LEU C 29 -2.66 -19.46 34.64
N LYS C 30 -3.00 -19.57 33.36
CA LYS C 30 -2.40 -20.57 32.50
C LYS C 30 -2.62 -20.18 31.05
N PRO C 31 -1.57 -20.29 30.23
CA PRO C 31 -1.72 -19.93 28.82
C PRO C 31 -2.90 -20.68 28.20
N ILE C 32 -3.61 -20.01 27.31
CA ILE C 32 -4.76 -20.61 26.66
C ILE C 32 -4.81 -20.03 25.23
N GLY C 33 -3.92 -19.08 24.98
CA GLY C 33 -3.84 -18.46 23.67
C GLY C 33 -2.92 -17.25 23.65
N SER C 34 -2.51 -16.84 22.45
CA SER C 34 -1.64 -15.69 22.30
C SER C 34 -1.39 -15.37 20.83
N GLY C 35 -2.48 -15.05 20.12
CA GLY C 35 -2.37 -14.73 18.71
C GLY C 35 -1.25 -13.76 18.38
N ALA C 36 -1.58 -12.48 18.33
CA ALA C 36 -0.58 -11.45 18.02
C ALA C 36 -0.78 -10.20 18.87
N GLN C 37 -2.04 -9.83 19.10
CA GLN C 37 -2.33 -8.64 19.89
C GLN C 37 -2.05 -8.91 21.36
N GLY C 38 -0.94 -9.62 21.64
CA GLY C 38 -0.59 -9.93 23.01
C GLY C 38 -0.91 -11.35 23.37
N ILE C 39 -1.15 -11.61 24.66
CA ILE C 39 -1.48 -12.96 25.10
C ILE C 39 -2.71 -13.00 26.00
N VAL C 40 -3.35 -14.16 26.05
CA VAL C 40 -4.57 -14.32 26.83
C VAL C 40 -4.53 -15.50 27.79
N CYS C 41 -4.97 -15.29 29.03
CA CYS C 41 -4.98 -16.35 30.02
C CYS C 41 -6.36 -16.65 30.58
N ALA C 42 -6.51 -17.86 31.08
CA ALA C 42 -7.76 -18.28 31.68
C ALA C 42 -7.49 -18.31 33.18
N ALA C 43 -8.50 -18.01 33.99
CA ALA C 43 -8.29 -18.00 35.42
C ALA C 43 -9.55 -17.99 36.25
N TYR C 44 -9.38 -18.04 37.57
CA TYR C 44 -10.49 -18.00 38.49
C TYR C 44 -10.53 -16.64 39.16
N ASP C 45 -11.67 -15.96 39.03
CA ASP C 45 -11.87 -14.64 39.62
C ASP C 45 -12.50 -14.86 40.99
N ALA C 46 -11.66 -14.85 42.03
CA ALA C 46 -12.12 -15.06 43.39
C ALA C 46 -13.30 -14.19 43.81
N ILE C 47 -13.21 -12.90 43.53
CA ILE C 47 -14.27 -11.97 43.90
C ILE C 47 -15.61 -12.43 43.33
N LEU C 48 -15.77 -12.33 42.02
CA LEU C 48 -17.03 -12.74 41.38
C LEU C 48 -17.21 -14.25 41.41
N GLU C 49 -16.17 -14.98 41.77
CA GLU C 49 -16.21 -16.44 41.83
C GLU C 49 -16.65 -17.06 40.51
N ARG C 50 -15.85 -16.84 39.46
CA ARG C 50 -16.13 -17.39 38.15
C ARG C 50 -14.87 -17.35 37.30
N ASN C 51 -14.85 -18.14 36.24
CA ASN C 51 -13.71 -18.19 35.33
C ASN C 51 -13.69 -16.97 34.40
N VAL C 52 -12.47 -16.49 34.14
CA VAL C 52 -12.29 -15.32 33.30
C VAL C 52 -11.10 -15.39 32.37
N ALA C 53 -11.17 -14.54 31.34
CA ALA C 53 -10.13 -14.44 30.32
C ALA C 53 -9.38 -13.13 30.57
N ILE C 54 -8.07 -13.19 30.52
CA ILE C 54 -7.22 -12.02 30.74
C ILE C 54 -6.29 -11.85 29.56
N LYS C 55 -6.28 -10.66 28.97
CA LYS C 55 -5.42 -10.40 27.84
C LYS C 55 -4.36 -9.34 28.17
N LYS C 56 -3.12 -9.58 27.75
CA LYS C 56 -2.05 -8.63 28.01
C LYS C 56 -1.73 -7.88 26.73
N LEU C 57 -2.42 -6.76 26.51
CA LEU C 57 -2.15 -5.97 25.32
C LEU C 57 -0.65 -5.72 25.36
N SER C 58 0.07 -6.29 24.41
CA SER C 58 1.52 -6.13 24.34
C SER C 58 1.88 -5.01 23.37
N ARG C 59 2.76 -4.11 23.83
CA ARG C 59 3.20 -2.98 23.02
C ARG C 59 2.04 -2.04 22.68
N PRO C 60 1.32 -1.55 23.69
CA PRO C 60 0.18 -0.64 23.44
C PRO C 60 0.68 0.76 23.11
N PHE C 61 1.99 0.87 22.91
CA PHE C 61 2.64 2.14 22.58
C PHE C 61 3.50 2.02 21.35
N GLN C 62 4.23 0.91 21.24
CA GLN C 62 5.12 0.66 20.11
C GLN C 62 4.97 1.71 19.03
N ASN C 63 4.01 1.49 18.13
CA ASN C 63 3.76 2.43 17.05
C ASN C 63 2.39 3.09 17.13
N GLN C 64 2.04 3.84 16.10
CA GLN C 64 0.77 4.53 16.04
C GLN C 64 -0.34 3.56 15.64
N THR C 65 0.01 2.29 15.51
CA THR C 65 -0.95 1.27 15.12
C THR C 65 -1.40 0.45 16.33
N HIS C 66 -0.43 -0.02 17.12
CA HIS C 66 -0.73 -0.81 18.31
C HIS C 66 -1.60 -0.02 19.28
N ALA C 67 -1.16 1.19 19.62
CA ALA C 67 -1.87 2.07 20.53
C ALA C 67 -3.27 2.33 20.00
N LYS C 68 -3.38 2.44 18.68
CA LYS C 68 -4.65 2.67 18.03
C LYS C 68 -5.54 1.47 18.28
N ARG C 69 -5.26 0.37 17.57
CA ARG C 69 -6.02 -0.86 17.70
C ARG C 69 -6.35 -1.11 19.17
N ALA C 70 -5.35 -0.94 20.04
CA ALA C 70 -5.54 -1.12 21.46
C ALA C 70 -6.71 -0.25 21.87
N TYR C 71 -6.44 1.05 21.97
CA TYR C 71 -7.48 2.01 22.33
C TYR C 71 -8.78 1.57 21.68
N ARG C 72 -8.75 1.48 20.35
CA ARG C 72 -9.91 1.09 19.56
C ARG C 72 -10.77 -0.02 20.17
N GLU C 73 -10.13 -1.10 20.61
CA GLU C 73 -10.85 -2.23 21.20
C GLU C 73 -11.34 -1.88 22.57
N LEU C 74 -10.43 -1.35 23.36
CA LEU C 74 -10.73 -0.95 24.73
C LEU C 74 -12.08 -0.26 24.72
N VAL C 75 -12.25 0.64 23.76
CA VAL C 75 -13.49 1.40 23.63
C VAL C 75 -14.66 0.48 23.30
N LEU C 76 -14.65 -0.09 22.10
CA LEU C 76 -15.70 -0.98 21.64
C LEU C 76 -16.19 -2.02 22.65
N MET C 77 -15.27 -2.63 23.40
CA MET C 77 -15.67 -3.63 24.39
C MET C 77 -16.74 -3.07 25.31
N LYS C 78 -16.41 -1.97 25.98
CA LYS C 78 -17.36 -1.30 26.87
C LYS C 78 -18.62 -0.89 26.10
N CYS C 79 -18.43 -0.13 25.03
CA CYS C 79 -19.51 0.36 24.19
C CYS C 79 -20.54 -0.73 23.86
N VAL C 80 -20.07 -1.80 23.24
CA VAL C 80 -20.95 -2.91 22.84
C VAL C 80 -21.36 -3.83 23.98
N ASN C 81 -22.58 -4.33 23.87
CA ASN C 81 -23.15 -5.25 24.85
C ASN C 81 -24.17 -6.12 24.11
N HIS C 82 -23.88 -7.41 23.97
CA HIS C 82 -24.80 -8.31 23.26
C HIS C 82 -24.43 -9.78 23.35
N LYS C 83 -25.43 -10.62 23.54
CA LYS C 83 -25.27 -12.07 23.65
C LYS C 83 -24.12 -12.67 22.85
N ASN C 84 -24.03 -12.31 21.58
CA ASN C 84 -23.02 -12.87 20.70
C ASN C 84 -21.74 -12.05 20.57
N ILE C 85 -21.45 -11.24 21.58
CA ILE C 85 -20.25 -10.42 21.59
C ILE C 85 -19.54 -10.61 22.92
N ILE C 86 -18.26 -10.98 22.87
CA ILE C 86 -17.48 -11.20 24.09
C ILE C 86 -17.79 -10.06 25.09
N GLY C 87 -18.16 -10.43 26.31
CA GLY C 87 -18.49 -9.44 27.32
C GLY C 87 -17.31 -8.98 28.14
N LEU C 88 -17.23 -7.67 28.33
CA LEU C 88 -16.15 -7.07 29.10
C LEU C 88 -16.45 -7.07 30.60
N LEU C 89 -15.55 -7.67 31.37
CA LEU C 89 -15.67 -7.79 32.82
C LEU C 89 -14.89 -6.74 33.59
N ASN C 90 -13.70 -6.41 33.09
CA ASN C 90 -12.88 -5.41 33.73
C ASN C 90 -11.56 -5.23 33.01
N VAL C 91 -11.09 -3.99 32.99
CA VAL C 91 -9.81 -3.68 32.38
C VAL C 91 -8.96 -3.12 33.53
N PHE C 92 -7.65 -3.03 33.33
CA PHE C 92 -6.80 -2.49 34.38
C PHE C 92 -5.35 -2.56 33.98
N THR C 93 -4.52 -1.85 34.74
CA THR C 93 -3.08 -1.82 34.52
C THR C 93 -2.44 -1.67 35.88
N PRO C 94 -1.39 -2.46 36.16
CA PRO C 94 -0.65 -2.47 37.43
C PRO C 94 0.31 -1.31 37.62
N GLN C 95 0.22 -0.30 36.75
CA GLN C 95 1.08 0.86 36.86
C GLN C 95 0.46 1.93 37.75
N LYS C 96 1.31 2.79 38.33
CA LYS C 96 0.87 3.84 39.22
C LYS C 96 0.50 5.13 38.48
N SER C 97 1.49 5.78 37.89
CA SER C 97 1.26 7.03 37.17
C SER C 97 1.45 6.88 35.67
N LEU C 98 0.93 7.84 34.93
CA LEU C 98 1.06 7.84 33.47
C LEU C 98 2.53 7.83 33.06
N GLU C 99 3.35 8.55 33.81
CA GLU C 99 4.77 8.61 33.51
C GLU C 99 5.30 7.18 33.63
N GLU C 100 4.62 6.39 34.44
CA GLU C 100 4.99 4.99 34.65
C GLU C 100 4.24 4.03 33.74
N PHE C 101 2.97 4.31 33.53
CA PHE C 101 2.09 3.47 32.70
C PHE C 101 2.83 2.54 31.74
N GLN C 102 2.46 1.27 31.76
CA GLN C 102 3.13 0.29 30.91
C GLN C 102 2.18 -0.46 29.97
N ASP C 103 1.48 -1.47 30.49
CA ASP C 103 0.57 -2.26 29.66
C ASP C 103 -0.85 -2.37 30.20
N VAL C 104 -1.76 -2.78 29.34
CA VAL C 104 -3.16 -2.92 29.71
C VAL C 104 -3.62 -4.38 29.79
N TYR C 105 -4.63 -4.62 30.62
CA TYR C 105 -5.22 -5.94 30.81
C TYR C 105 -6.73 -5.88 30.63
N ILE C 106 -7.24 -6.59 29.63
CA ILE C 106 -8.68 -6.66 29.39
C ILE C 106 -9.16 -8.02 29.91
N VAL C 107 -10.13 -8.01 30.82
CA VAL C 107 -10.63 -9.26 31.37
C VAL C 107 -12.02 -9.58 30.85
N MET C 108 -12.14 -10.72 30.19
CA MET C 108 -13.41 -11.13 29.60
C MET C 108 -14.00 -12.36 30.27
N GLU C 109 -15.28 -12.61 30.03
CA GLU C 109 -15.93 -13.79 30.59
C GLU C 109 -15.31 -14.94 29.81
N LEU C 110 -14.92 -16.00 30.50
CA LEU C 110 -14.27 -17.11 29.83
C LEU C 110 -15.18 -18.10 29.12
N MET C 111 -14.92 -18.33 27.84
CA MET C 111 -15.67 -19.31 27.07
C MET C 111 -14.78 -20.54 27.03
N ASP C 112 -15.25 -21.62 26.43
CA ASP C 112 -14.48 -22.87 26.41
C ASP C 112 -13.44 -23.08 25.31
N ALA C 113 -13.75 -22.70 24.07
CA ALA C 113 -12.78 -22.88 22.98
C ALA C 113 -13.08 -22.16 21.66
N ASN C 114 -12.07 -22.14 20.79
CA ASN C 114 -12.13 -21.54 19.45
C ASN C 114 -13.29 -22.11 18.66
N LEU C 115 -13.41 -21.64 17.42
CA LEU C 115 -14.42 -22.17 16.53
C LEU C 115 -13.56 -23.16 15.75
N CYS C 116 -12.26 -23.15 16.07
CA CYS C 116 -11.30 -24.05 15.44
C CYS C 116 -11.72 -25.46 15.76
N GLN C 117 -12.16 -25.63 16.99
CA GLN C 117 -12.59 -26.93 17.45
C GLN C 117 -13.74 -27.38 16.56
N VAL C 118 -14.86 -26.65 16.61
CA VAL C 118 -16.03 -27.01 15.81
C VAL C 118 -15.63 -27.50 14.44
N ILE C 119 -14.64 -26.84 13.83
CA ILE C 119 -14.19 -27.22 12.51
C ILE C 119 -13.68 -28.66 12.44
N GLN C 120 -13.05 -29.12 13.52
CA GLN C 120 -12.51 -30.47 13.58
C GLN C 120 -13.51 -31.48 14.13
N MET C 121 -14.77 -31.39 13.70
CA MET C 121 -15.82 -32.31 14.15
C MET C 121 -17.12 -32.21 13.34
N GLU C 122 -17.88 -33.30 13.35
CA GLU C 122 -19.16 -33.36 12.64
C GLU C 122 -20.10 -32.41 13.36
N LEU C 123 -21.28 -32.19 12.77
CA LEU C 123 -22.26 -31.30 13.38
C LEU C 123 -23.65 -31.55 12.81
N ASP C 124 -24.64 -31.64 13.67
CA ASP C 124 -26.00 -31.83 13.18
C ASP C 124 -26.39 -30.56 12.45
N HIS C 125 -27.05 -30.70 11.31
CA HIS C 125 -27.50 -29.55 10.54
C HIS C 125 -27.95 -28.46 11.48
N GLU C 126 -28.77 -28.82 12.46
CA GLU C 126 -29.29 -27.85 13.41
C GLU C 126 -28.18 -27.04 14.06
N ARG C 127 -27.24 -27.73 14.69
CA ARG C 127 -26.14 -27.10 15.38
C ARG C 127 -25.31 -26.18 14.47
N MET C 128 -24.89 -26.67 13.31
CA MET C 128 -24.13 -25.82 12.40
C MET C 128 -24.93 -24.55 12.18
N SER C 129 -26.16 -24.74 11.74
CA SER C 129 -27.06 -23.64 11.51
C SER C 129 -27.14 -22.67 12.71
N TYR C 130 -27.50 -23.19 13.88
CA TYR C 130 -27.64 -22.34 15.05
C TYR C 130 -26.36 -21.56 15.31
N LEU C 131 -25.22 -22.24 15.29
CA LEU C 131 -23.94 -21.57 15.50
C LEU C 131 -23.83 -20.43 14.51
N LEU C 132 -23.93 -20.78 13.23
CA LEU C 132 -23.85 -19.80 12.14
C LEU C 132 -24.77 -18.62 12.45
N TYR C 133 -25.93 -18.92 13.00
CA TYR C 133 -26.91 -17.90 13.33
C TYR C 133 -26.30 -16.92 14.31
N GLN C 134 -26.09 -17.35 15.54
CA GLN C 134 -25.51 -16.49 16.57
C GLN C 134 -24.40 -15.61 16.00
N MET C 135 -23.52 -16.23 15.22
CA MET C 135 -22.41 -15.52 14.58
C MET C 135 -22.90 -14.24 13.87
N LEU C 136 -23.90 -14.40 13.02
CA LEU C 136 -24.47 -13.28 12.29
C LEU C 136 -25.10 -12.26 13.24
N CYS C 137 -25.88 -12.73 14.20
CA CYS C 137 -26.49 -11.82 15.16
C CYS C 137 -25.36 -10.99 15.72
N GLY C 138 -24.32 -11.68 16.18
CA GLY C 138 -23.19 -10.98 16.73
C GLY C 138 -22.70 -9.89 15.79
N ILE C 139 -22.63 -10.21 14.50
CA ILE C 139 -22.16 -9.23 13.52
C ILE C 139 -23.18 -8.11 13.28
N LYS C 140 -24.39 -8.49 12.94
CA LYS C 140 -25.48 -7.54 12.69
C LYS C 140 -25.47 -6.41 13.72
N HIS C 141 -25.31 -6.77 14.98
CA HIS C 141 -25.28 -5.79 16.04
C HIS C 141 -24.15 -4.80 15.78
N LEU C 142 -23.01 -5.33 15.39
CA LEU C 142 -21.83 -4.53 15.12
C LEU C 142 -22.04 -3.69 13.88
N HIS C 143 -22.78 -4.24 12.94
CA HIS C 143 -23.06 -3.55 11.69
C HIS C 143 -24.13 -2.48 11.86
N SER C 144 -25.04 -2.70 12.80
CA SER C 144 -26.11 -1.75 13.07
C SER C 144 -25.53 -0.47 13.63
N ALA C 145 -24.20 -0.34 13.55
CA ALA C 145 -23.49 0.84 14.03
C ALA C 145 -22.30 1.13 13.13
N GLY C 146 -22.49 0.93 11.83
CA GLY C 146 -21.43 1.18 10.89
C GLY C 146 -20.07 0.66 11.35
N ILE C 147 -20.08 -0.40 12.13
CA ILE C 147 -18.84 -0.98 12.61
C ILE C 147 -18.59 -2.33 11.93
N ILE C 148 -17.47 -2.43 11.24
CA ILE C 148 -17.12 -3.65 10.53
C ILE C 148 -15.98 -4.38 11.22
N HIS C 149 -16.19 -5.65 11.56
CA HIS C 149 -15.18 -6.42 12.26
C HIS C 149 -13.89 -6.47 11.50
N ARG C 150 -14.01 -6.86 10.24
CA ARG C 150 -12.88 -6.93 9.33
C ARG C 150 -11.91 -8.07 9.53
N ASP C 151 -12.07 -8.85 10.59
CA ASP C 151 -11.12 -9.93 10.84
C ASP C 151 -11.71 -11.21 11.40
N LEU C 152 -12.92 -11.57 10.96
CA LEU C 152 -13.55 -12.80 11.43
C LEU C 152 -12.78 -14.02 10.89
N LYS C 153 -12.55 -14.98 11.78
CA LYS C 153 -11.83 -16.21 11.47
C LYS C 153 -12.01 -17.11 12.69
N PRO C 154 -11.93 -18.43 12.49
CA PRO C 154 -12.11 -19.31 13.64
C PRO C 154 -11.37 -18.75 14.85
N SER C 155 -10.09 -18.45 14.66
CA SER C 155 -9.23 -17.89 15.71
C SER C 155 -9.97 -16.91 16.61
N ASN C 156 -10.81 -16.07 16.01
CA ASN C 156 -11.56 -15.03 16.74
C ASN C 156 -12.91 -15.40 17.29
N ILE C 157 -13.30 -16.66 17.19
CA ILE C 157 -14.60 -17.01 17.73
C ILE C 157 -14.54 -18.06 18.82
N VAL C 158 -15.23 -17.79 19.91
CA VAL C 158 -15.26 -18.68 21.05
C VAL C 158 -16.63 -19.35 21.17
N VAL C 159 -16.66 -20.52 21.80
CA VAL C 159 -17.89 -21.27 22.00
C VAL C 159 -17.98 -21.78 23.43
N LYS C 160 -19.19 -22.14 23.84
CA LYS C 160 -19.38 -22.67 25.19
C LYS C 160 -19.99 -24.06 25.02
N SER C 161 -19.92 -24.87 26.08
CA SER C 161 -20.47 -26.22 26.04
C SER C 161 -22.00 -26.21 25.84
N ASP C 162 -22.62 -25.07 26.14
CA ASP C 162 -24.06 -24.90 26.02
C ASP C 162 -24.48 -24.57 24.58
N CYS C 163 -23.47 -24.53 23.71
CA CYS C 163 -23.66 -24.26 22.30
C CYS C 163 -23.99 -22.81 21.97
N THR C 164 -23.28 -21.88 22.58
CA THR C 164 -23.50 -20.47 22.29
C THR C 164 -22.18 -19.79 21.95
N LEU C 165 -22.10 -19.31 20.72
CA LEU C 165 -20.91 -18.67 20.21
C LEU C 165 -20.87 -17.16 20.48
N LYS C 166 -19.67 -16.59 20.44
CA LYS C 166 -19.49 -15.17 20.66
C LYS C 166 -18.24 -14.72 19.92
N ILE C 167 -18.28 -13.50 19.39
CA ILE C 167 -17.15 -12.93 18.65
C ILE C 167 -16.27 -12.11 19.61
N LEU C 168 -15.02 -11.89 19.23
CA LEU C 168 -14.13 -11.08 20.05
C LEU C 168 -12.98 -10.49 19.24
N ASP C 169 -12.16 -9.69 19.91
CA ASP C 169 -11.03 -9.01 19.25
C ASP C 169 -11.65 -7.96 18.35
N PHE C 170 -11.40 -6.69 18.66
CA PHE C 170 -11.96 -5.60 17.87
C PHE C 170 -10.98 -4.51 17.47
N GLY C 171 -9.71 -4.66 17.83
CA GLY C 171 -8.74 -3.65 17.48
C GLY C 171 -8.70 -3.30 16.00
N LEU C 172 -9.44 -4.06 15.20
CA LEU C 172 -9.49 -3.83 13.76
C LEU C 172 -10.86 -3.37 13.23
N ALA C 173 -11.84 -3.22 14.11
CA ALA C 173 -13.16 -2.80 13.68
C ALA C 173 -13.21 -1.31 13.37
N ARG C 174 -13.16 -0.97 12.09
CA ARG C 174 -13.22 0.42 11.66
C ARG C 174 -14.64 0.64 11.18
N THR C 175 -14.82 1.53 10.21
CA THR C 175 -16.16 1.84 9.70
C THR C 175 -16.37 1.86 8.19
N ALA C 176 -15.33 2.15 7.41
CA ALA C 176 -15.49 2.21 5.95
C ALA C 176 -14.15 2.07 5.21
N GLY C 177 -14.22 1.60 3.98
CA GLY C 177 -13.02 1.42 3.17
C GLY C 177 -12.21 2.68 2.93
N THR C 178 -12.85 3.85 3.03
CA THR C 178 -12.19 5.13 2.80
C THR C 178 -11.48 5.12 1.43
N SER C 179 -11.57 3.98 0.74
CA SER C 179 -10.96 3.74 -0.55
C SER C 179 -9.56 3.16 -0.32
N PHE C 180 -8.87 3.70 0.68
CA PHE C 180 -7.54 3.22 1.03
C PHE C 180 -7.52 2.78 2.48
N MET C 181 -6.54 1.95 2.84
CA MET C 181 -6.42 1.47 4.21
C MET C 181 -4.96 1.51 4.64
N MET C 182 -4.71 1.36 5.93
CA MET C 182 -3.36 1.39 6.47
C MET C 182 -2.80 -0.02 6.64
N GLU C 183 -2.10 -0.49 5.62
CA GLU C 183 -1.49 -1.81 5.61
C GLU C 183 -2.50 -2.92 5.35
N PRO C 184 -2.87 -3.12 4.08
CA PRO C 184 -3.83 -4.16 3.65
C PRO C 184 -3.25 -5.54 3.92
N GLU C 185 -2.16 -5.55 4.67
CA GLU C 185 -1.45 -6.77 5.05
C GLU C 185 -1.71 -6.98 6.52
N VAL C 186 -2.85 -6.50 6.99
CA VAL C 186 -3.23 -6.63 8.40
C VAL C 186 -4.18 -7.78 8.58
N VAL C 187 -5.30 -7.74 7.86
CA VAL C 187 -6.32 -8.77 7.93
C VAL C 187 -5.73 -10.14 7.59
N THR C 188 -6.21 -11.17 8.25
CA THR C 188 -5.72 -12.53 8.05
C THR C 188 -5.97 -13.09 6.65
N ARG C 189 -4.88 -13.27 5.90
CA ARG C 189 -4.92 -13.77 4.52
C ARG C 189 -6.12 -14.65 4.17
N TYR C 190 -6.06 -15.92 4.55
CA TYR C 190 -7.11 -16.89 4.27
C TYR C 190 -8.55 -16.39 4.27
N TYR C 191 -8.85 -15.36 5.03
CA TYR C 191 -10.21 -14.89 5.10
C TYR C 191 -10.47 -13.53 4.48
N ARG C 192 -9.45 -12.97 3.84
CA ARG C 192 -9.63 -11.67 3.22
C ARG C 192 -10.59 -11.82 2.04
N ALA C 193 -11.39 -10.78 1.82
CA ALA C 193 -12.32 -10.74 0.71
C ALA C 193 -11.57 -10.20 -0.50
N PRO C 194 -12.10 -10.43 -1.70
CA PRO C 194 -11.39 -9.92 -2.88
C PRO C 194 -11.13 -8.43 -2.79
N GLU C 195 -12.13 -7.69 -2.28
CA GLU C 195 -11.99 -6.24 -2.19
C GLU C 195 -10.95 -5.84 -1.18
N VAL C 196 -10.16 -6.81 -0.74
CA VAL C 196 -9.11 -6.50 0.22
C VAL C 196 -7.76 -6.91 -0.32
N ILE C 197 -7.75 -7.93 -1.15
CA ILE C 197 -6.49 -8.36 -1.74
C ILE C 197 -6.22 -7.46 -2.92
N LEU C 198 -7.26 -6.73 -3.35
CA LEU C 198 -7.15 -5.86 -4.50
C LEU C 198 -7.25 -4.36 -4.21
N GLY C 199 -7.38 -4.00 -2.94
CA GLY C 199 -7.50 -2.60 -2.59
C GLY C 199 -8.79 -1.92 -2.99
N MET C 200 -9.88 -2.67 -3.10
CA MET C 200 -11.16 -2.08 -3.48
C MET C 200 -11.94 -1.37 -2.40
N GLY C 201 -11.28 -0.91 -1.34
CA GLY C 201 -12.05 -0.26 -0.30
C GLY C 201 -13.12 -1.22 0.20
N TYR C 202 -13.99 -0.82 1.11
CA TYR C 202 -14.95 -1.80 1.58
C TYR C 202 -16.18 -1.35 2.34
N LYS C 203 -17.28 -2.08 2.14
CA LYS C 203 -18.54 -1.83 2.83
C LYS C 203 -18.52 -2.83 3.98
N GLU C 204 -19.66 -3.07 4.60
CA GLU C 204 -19.70 -4.02 5.70
C GLU C 204 -19.78 -5.45 5.17
N ASN C 205 -20.17 -5.60 3.91
CA ASN C 205 -20.29 -6.90 3.28
C ASN C 205 -19.05 -7.75 3.53
N VAL C 206 -17.91 -7.08 3.60
CA VAL C 206 -16.67 -7.77 3.82
C VAL C 206 -16.86 -8.82 4.90
N ASP C 207 -17.29 -8.41 6.09
CA ASP C 207 -17.46 -9.38 7.18
C ASP C 207 -18.21 -10.66 6.75
N LEU C 208 -19.15 -10.54 5.83
CA LEU C 208 -19.88 -11.70 5.38
C LEU C 208 -19.04 -12.66 4.58
N TRP C 209 -18.18 -12.14 3.70
CA TRP C 209 -17.31 -13.01 2.92
C TRP C 209 -16.46 -13.81 3.87
N SER C 210 -16.06 -13.18 4.98
CA SER C 210 -15.29 -13.87 5.99
C SER C 210 -16.15 -15.04 6.47
N VAL C 211 -17.31 -14.69 7.04
CA VAL C 211 -18.23 -15.70 7.51
C VAL C 211 -18.30 -16.77 6.45
N GLY C 212 -18.61 -16.38 5.22
CA GLY C 212 -18.67 -17.36 4.17
C GLY C 212 -17.46 -18.30 4.15
N CYS C 213 -16.27 -17.73 4.31
CA CYS C 213 -15.05 -18.53 4.30
C CYS C 213 -15.04 -19.46 5.51
N ILE C 214 -15.61 -18.98 6.60
CA ILE C 214 -15.65 -19.76 7.82
C ILE C 214 -16.62 -20.93 7.76
N MET C 215 -17.83 -20.66 7.32
CA MET C 215 -18.84 -21.70 7.23
C MET C 215 -18.29 -22.84 6.40
N GLY C 216 -17.64 -22.51 5.29
CA GLY C 216 -17.10 -23.54 4.43
C GLY C 216 -15.93 -24.29 5.03
N GLU C 217 -15.20 -23.61 5.90
CA GLU C 217 -14.06 -24.24 6.55
C GLU C 217 -14.66 -25.10 7.63
N MET C 218 -15.97 -25.00 7.82
CA MET C 218 -16.63 -25.79 8.84
C MET C 218 -17.18 -27.05 8.20
N VAL C 219 -17.34 -26.99 6.88
CA VAL C 219 -17.89 -28.08 6.13
C VAL C 219 -16.79 -28.92 5.51
N CYS C 220 -15.61 -28.34 5.35
CA CYS C 220 -14.50 -29.09 4.76
C CYS C 220 -13.47 -29.52 5.79
N HIS C 221 -13.44 -28.83 6.93
CA HIS C 221 -12.52 -29.13 8.02
C HIS C 221 -11.15 -28.71 7.55
N LYS C 222 -11.16 -27.84 6.56
CA LYS C 222 -9.94 -27.33 5.99
C LYS C 222 -10.21 -25.94 5.45
N ILE C 223 -9.17 -25.10 5.49
CA ILE C 223 -9.19 -23.75 4.98
C ILE C 223 -9.85 -23.74 3.60
N LEU C 224 -10.81 -22.86 3.39
CA LEU C 224 -11.49 -22.85 2.11
C LEU C 224 -10.56 -22.42 0.99
N PHE C 225 -9.71 -21.45 1.28
CA PHE C 225 -8.77 -20.94 0.29
C PHE C 225 -7.37 -20.82 0.88
N PRO C 226 -6.51 -21.86 0.68
CA PRO C 226 -5.13 -21.92 1.16
C PRO C 226 -4.34 -20.64 0.84
N GLY C 227 -3.60 -20.62 -0.24
CA GLY C 227 -2.87 -19.40 -0.56
C GLY C 227 -1.60 -19.28 0.24
N ARG C 228 -0.48 -19.30 -0.49
CA ARG C 228 0.84 -19.25 0.09
C ARG C 228 1.39 -17.87 0.46
N ASP C 229 0.76 -16.79 0.03
CA ASP C 229 1.26 -15.45 0.34
C ASP C 229 0.26 -14.40 -0.09
N TYR C 230 0.40 -13.19 0.42
CA TYR C 230 -0.53 -12.09 0.11
C TYR C 230 -1.02 -11.99 -1.34
N ILE C 231 -0.30 -12.63 -2.26
CA ILE C 231 -0.64 -12.59 -3.67
C ILE C 231 -1.28 -13.87 -4.15
N ASP C 232 -0.84 -15.01 -3.62
CA ASP C 232 -1.43 -16.27 -4.04
C ASP C 232 -2.85 -16.41 -3.52
N GLN C 233 -3.18 -15.67 -2.48
CA GLN C 233 -4.52 -15.78 -1.95
C GLN C 233 -5.53 -15.44 -3.04
N TRP C 234 -5.12 -14.74 -4.08
CA TRP C 234 -6.08 -14.43 -5.13
C TRP C 234 -6.08 -15.63 -6.07
N ASN C 235 -4.89 -16.20 -6.28
CA ASN C 235 -4.78 -17.35 -7.16
C ASN C 235 -5.57 -18.53 -6.63
N LYS C 236 -6.01 -18.46 -5.38
CA LYS C 236 -6.76 -19.56 -4.85
C LYS C 236 -8.25 -19.27 -5.03
N VAL C 237 -8.67 -18.06 -4.70
CA VAL C 237 -10.07 -17.69 -4.84
C VAL C 237 -10.59 -17.89 -6.27
N ILE C 238 -9.91 -17.24 -7.21
CA ILE C 238 -10.31 -17.31 -8.61
C ILE C 238 -10.28 -18.69 -9.21
N GLU C 239 -9.42 -19.54 -8.68
CA GLU C 239 -9.33 -20.88 -9.22
C GLU C 239 -10.48 -21.72 -8.70
N GLN C 240 -11.12 -21.24 -7.65
CA GLN C 240 -12.24 -21.97 -7.06
C GLN C 240 -13.52 -21.38 -7.58
N LEU C 241 -13.67 -20.08 -7.37
CA LEU C 241 -14.88 -19.37 -7.78
C LEU C 241 -14.86 -18.91 -9.24
N GLY C 242 -13.68 -18.96 -9.88
CA GLY C 242 -13.55 -18.53 -11.25
C GLY C 242 -13.13 -17.06 -11.49
N THR C 243 -12.51 -16.79 -12.62
CA THR C 243 -12.11 -15.42 -12.92
C THR C 243 -13.34 -14.51 -12.93
N PRO C 244 -13.31 -13.39 -12.17
CA PRO C 244 -14.43 -12.45 -12.10
C PRO C 244 -14.73 -11.75 -13.40
N CYS C 245 -16.01 -11.46 -13.61
CA CYS C 245 -16.49 -10.80 -14.82
C CYS C 245 -16.04 -9.35 -14.94
N PRO C 246 -16.00 -8.84 -16.18
CA PRO C 246 -15.60 -7.49 -16.54
C PRO C 246 -16.30 -6.40 -15.72
N GLU C 247 -17.62 -6.50 -15.60
CA GLU C 247 -18.34 -5.50 -14.82
C GLU C 247 -17.52 -5.27 -13.55
N PHE C 248 -16.83 -6.31 -13.09
CA PHE C 248 -16.02 -6.21 -11.87
C PHE C 248 -14.70 -5.49 -12.14
N MET C 249 -13.82 -6.14 -12.89
CA MET C 249 -12.51 -5.59 -13.23
C MET C 249 -12.52 -4.06 -13.35
N LYS C 250 -13.55 -3.54 -14.02
CA LYS C 250 -13.69 -2.10 -14.21
C LYS C 250 -13.65 -1.28 -12.91
N LYS C 251 -13.86 -1.93 -11.77
CA LYS C 251 -13.87 -1.22 -10.50
C LYS C 251 -12.53 -1.14 -9.78
N LEU C 252 -11.54 -1.86 -10.29
CA LEU C 252 -10.21 -1.89 -9.67
C LEU C 252 -9.23 -0.78 -10.05
N GLN C 253 -8.32 -0.47 -9.13
CA GLN C 253 -7.28 0.53 -9.39
C GLN C 253 -6.62 0.11 -10.71
N PRO C 254 -6.21 1.09 -11.53
CA PRO C 254 -5.57 0.77 -12.80
C PRO C 254 -4.43 -0.23 -12.67
N THR C 255 -3.56 -0.05 -11.67
CA THR C 255 -2.42 -0.95 -11.50
C THR C 255 -2.84 -2.38 -11.16
N VAL C 256 -3.56 -2.53 -10.06
CA VAL C 256 -4.04 -3.84 -9.63
C VAL C 256 -4.65 -4.55 -10.81
N ARG C 257 -5.78 -3.99 -11.25
CA ARG C 257 -6.49 -4.55 -12.39
C ARG C 257 -5.51 -5.12 -13.40
N THR C 258 -4.76 -4.26 -14.05
CA THR C 258 -3.82 -4.70 -15.04
C THR C 258 -3.35 -6.10 -14.70
N TYR C 259 -2.75 -6.27 -13.53
CA TYR C 259 -2.27 -7.59 -13.12
C TYR C 259 -3.39 -8.59 -13.21
N VAL C 260 -4.37 -8.43 -12.31
CA VAL C 260 -5.54 -9.30 -12.26
C VAL C 260 -5.95 -9.80 -13.63
N GLU C 261 -5.97 -8.88 -14.61
CA GLU C 261 -6.36 -9.25 -15.96
C GLU C 261 -5.32 -10.09 -16.70
N ASN C 262 -4.04 -9.98 -16.34
CA ASN C 262 -3.01 -10.74 -17.03
C ASN C 262 -2.99 -12.17 -16.54
N ARG C 263 -3.66 -12.42 -15.42
CA ARG C 263 -3.75 -13.76 -14.86
C ARG C 263 -4.44 -14.71 -15.83
N PRO C 264 -4.29 -16.02 -15.61
CA PRO C 264 -4.94 -16.97 -16.51
C PRO C 264 -6.44 -16.96 -16.23
N LYS C 265 -7.23 -17.35 -17.21
CA LYS C 265 -8.67 -17.38 -17.01
C LYS C 265 -9.04 -18.65 -16.26
N TYR C 266 -9.86 -18.49 -15.22
CA TYR C 266 -10.32 -19.62 -14.42
C TYR C 266 -11.82 -19.79 -14.57
N ALA C 267 -12.22 -20.94 -15.11
CA ALA C 267 -13.62 -21.23 -15.32
C ALA C 267 -14.42 -21.25 -14.02
N GLY C 268 -13.81 -21.76 -12.96
CA GLY C 268 -14.49 -21.84 -11.70
C GLY C 268 -15.12 -23.22 -11.59
N TYR C 269 -15.58 -23.55 -10.38
CA TYR C 269 -16.21 -24.84 -10.13
C TYR C 269 -17.58 -24.57 -9.50
N SER C 270 -18.61 -25.28 -9.96
CA SER C 270 -19.94 -25.11 -9.40
C SER C 270 -19.94 -25.35 -7.90
N PHE C 271 -20.73 -24.59 -7.15
CA PHE C 271 -20.79 -24.79 -5.71
C PHE C 271 -21.39 -26.16 -5.38
N GLU C 272 -21.46 -27.00 -6.40
CA GLU C 272 -22.00 -28.35 -6.22
C GLU C 272 -20.78 -29.23 -6.06
N LYS C 273 -19.70 -28.88 -6.75
CA LYS C 273 -18.48 -29.65 -6.63
C LYS C 273 -17.70 -29.04 -5.46
N LEU C 274 -17.88 -27.75 -5.25
CA LEU C 274 -17.19 -27.10 -4.16
C LEU C 274 -17.73 -27.57 -2.82
N PHE C 275 -19.02 -27.88 -2.76
CA PHE C 275 -19.57 -28.33 -1.49
C PHE C 275 -20.60 -29.41 -1.68
N PRO C 276 -20.18 -30.54 -2.25
CA PRO C 276 -21.04 -31.68 -2.51
C PRO C 276 -21.71 -32.20 -1.21
N ASP C 277 -22.96 -32.63 -1.33
CA ASP C 277 -23.75 -33.14 -0.20
C ASP C 277 -23.01 -33.91 0.92
N VAL C 278 -22.27 -34.95 0.55
CA VAL C 278 -21.52 -35.77 1.50
C VAL C 278 -20.96 -35.02 2.66
N LEU C 279 -20.48 -33.81 2.39
CA LEU C 279 -19.88 -32.98 3.43
C LEU C 279 -20.89 -32.44 4.44
N PHE C 280 -22.08 -32.09 3.98
CA PHE C 280 -23.11 -31.56 4.86
C PHE C 280 -23.76 -32.66 5.71
N PRO C 281 -24.28 -32.28 6.88
CA PRO C 281 -24.94 -33.16 7.83
C PRO C 281 -26.04 -33.95 7.12
N ALA C 282 -26.32 -35.16 7.61
CA ALA C 282 -27.36 -35.98 7.00
C ALA C 282 -28.61 -35.15 6.80
N ASP C 283 -29.20 -35.22 5.61
CA ASP C 283 -30.41 -34.47 5.32
C ASP C 283 -31.60 -35.13 6.01
N SER C 284 -32.42 -34.32 6.67
CA SER C 284 -33.60 -34.83 7.36
C SER C 284 -34.72 -35.00 6.34
N GLU C 285 -35.90 -35.40 6.81
CA GLU C 285 -37.05 -35.60 5.92
C GLU C 285 -37.98 -34.39 5.97
N HIS C 286 -37.47 -33.27 6.49
CA HIS C 286 -38.25 -32.04 6.60
C HIS C 286 -37.67 -30.94 5.71
N ASN C 287 -38.44 -29.86 5.53
CA ASN C 287 -38.00 -28.75 4.69
C ASN C 287 -37.38 -27.63 5.53
N LYS C 288 -36.78 -27.99 6.66
CA LYS C 288 -36.15 -27.03 7.54
C LYS C 288 -34.70 -26.75 7.09
N LEU C 289 -33.80 -27.56 7.63
CA LEU C 289 -32.37 -27.45 7.39
C LEU C 289 -31.88 -28.51 6.40
N LYS C 290 -31.88 -28.16 5.11
CA LYS C 290 -31.44 -29.09 4.08
C LYS C 290 -30.02 -28.76 3.63
N ALA C 291 -29.27 -29.79 3.25
CA ALA C 291 -27.89 -29.62 2.78
C ALA C 291 -27.85 -28.70 1.57
N SER C 292 -28.78 -28.90 0.64
CA SER C 292 -28.84 -28.07 -0.56
C SER C 292 -28.97 -26.58 -0.27
N GLN C 293 -29.62 -26.24 0.83
CA GLN C 293 -29.81 -24.84 1.19
C GLN C 293 -28.61 -24.18 1.84
N ALA C 294 -28.13 -24.74 2.95
CA ALA C 294 -26.96 -24.18 3.61
C ALA C 294 -26.02 -23.80 2.47
N ARG C 295 -25.89 -24.72 1.51
CA ARG C 295 -25.05 -24.53 0.34
C ARG C 295 -25.41 -23.22 -0.36
N ASP C 296 -26.70 -22.99 -0.57
CA ASP C 296 -27.12 -21.76 -1.21
C ASP C 296 -26.56 -20.59 -0.39
N LEU C 297 -26.70 -20.67 0.92
CA LEU C 297 -26.21 -19.61 1.78
C LEU C 297 -24.74 -19.34 1.49
N LEU C 298 -24.04 -20.36 1.01
CA LEU C 298 -22.64 -20.18 0.68
C LEU C 298 -22.59 -19.50 -0.68
N SER C 299 -23.33 -20.06 -1.64
CA SER C 299 -23.38 -19.52 -3.00
C SER C 299 -23.69 -18.04 -3.00
N LYS C 300 -24.26 -17.55 -1.90
CA LYS C 300 -24.56 -16.14 -1.79
C LYS C 300 -23.48 -15.34 -1.03
N MET C 301 -22.77 -15.98 -0.10
CA MET C 301 -21.74 -15.28 0.68
C MET C 301 -20.37 -15.22 0.01
N LEU C 302 -20.01 -16.28 -0.69
CA LEU C 302 -18.74 -16.32 -1.36
C LEU C 302 -18.86 -15.71 -2.73
N VAL C 303 -19.12 -14.41 -2.77
CA VAL C 303 -19.24 -13.72 -4.05
C VAL C 303 -18.10 -12.72 -4.15
N ILE C 304 -17.34 -12.82 -5.24
CA ILE C 304 -16.20 -11.92 -5.42
C ILE C 304 -16.62 -10.45 -5.47
N ASP C 305 -17.77 -10.19 -6.08
CA ASP C 305 -18.27 -8.82 -6.21
C ASP C 305 -18.89 -8.24 -4.96
N ALA C 306 -18.06 -7.58 -4.17
CA ALA C 306 -18.47 -6.96 -2.91
C ALA C 306 -19.96 -6.62 -2.87
N SER C 307 -20.48 -6.17 -4.01
CA SER C 307 -21.88 -5.80 -4.12
C SER C 307 -22.82 -6.97 -4.32
N LYS C 308 -22.76 -7.60 -5.48
CA LYS C 308 -23.64 -8.74 -5.76
C LYS C 308 -23.69 -9.78 -4.64
N ARG C 309 -23.04 -9.48 -3.52
CA ARG C 309 -23.03 -10.41 -2.39
C ARG C 309 -24.34 -10.34 -1.61
N ILE C 310 -24.39 -11.05 -0.50
CA ILE C 310 -25.58 -11.11 0.35
C ILE C 310 -25.30 -10.34 1.63
N SER C 311 -26.20 -9.45 2.03
CA SER C 311 -25.98 -8.67 3.25
C SER C 311 -26.10 -9.53 4.48
N VAL C 312 -25.96 -8.92 5.64
CA VAL C 312 -26.08 -9.64 6.90
C VAL C 312 -27.51 -10.05 7.13
N ASP C 313 -28.38 -9.05 7.11
CA ASP C 313 -29.81 -9.25 7.32
C ASP C 313 -30.34 -10.28 6.35
N GLU C 314 -29.97 -10.16 5.08
CA GLU C 314 -30.41 -11.10 4.05
C GLU C 314 -29.93 -12.51 4.40
N ALA C 315 -28.82 -12.57 5.14
CA ALA C 315 -28.26 -13.84 5.57
C ALA C 315 -29.10 -14.36 6.71
N LEU C 316 -29.57 -13.44 7.56
CA LEU C 316 -30.41 -13.83 8.67
C LEU C 316 -31.82 -14.16 8.18
N GLN C 317 -32.12 -13.77 6.94
CA GLN C 317 -33.43 -14.03 6.35
C GLN C 317 -33.42 -15.32 5.54
N HIS C 318 -32.22 -15.88 5.38
CA HIS C 318 -32.01 -17.11 4.61
C HIS C 318 -32.61 -18.31 5.33
N PRO C 319 -33.29 -19.19 4.58
CA PRO C 319 -33.93 -20.38 5.16
C PRO C 319 -33.05 -21.16 6.11
N TYR C 320 -31.81 -21.43 5.70
CA TYR C 320 -30.92 -22.20 6.56
C TYR C 320 -30.62 -21.46 7.88
N ILE C 321 -31.24 -20.30 8.09
CA ILE C 321 -30.98 -19.54 9.29
C ILE C 321 -32.21 -19.04 10.05
N ASN C 322 -33.17 -18.44 9.34
CA ASN C 322 -34.37 -17.89 9.97
C ASN C 322 -35.02 -18.76 11.04
N VAL C 323 -34.92 -20.09 10.89
CA VAL C 323 -35.52 -21.02 11.85
C VAL C 323 -35.12 -20.73 13.29
N TRP C 324 -34.31 -19.70 13.49
CA TRP C 324 -33.88 -19.37 14.83
C TRP C 324 -34.16 -17.91 15.12
N TYR C 325 -34.59 -17.16 14.10
CA TYR C 325 -34.85 -15.73 14.24
C TYR C 325 -35.59 -15.39 15.51
N ASP C 326 -35.19 -14.26 16.12
CA ASP C 326 -35.79 -13.75 17.34
C ASP C 326 -35.41 -12.28 17.39
N PRO C 327 -36.40 -11.39 17.29
CA PRO C 327 -36.20 -9.95 17.32
C PRO C 327 -35.23 -9.41 18.37
N SER C 328 -35.24 -10.02 19.55
CA SER C 328 -34.40 -9.56 20.65
C SER C 328 -32.88 -9.72 20.50
N GLU C 329 -32.44 -10.54 19.56
CA GLU C 329 -31.00 -10.76 19.39
C GLU C 329 -30.49 -10.33 18.02
N ALA C 330 -31.42 -10.21 17.08
CA ALA C 330 -31.10 -9.79 15.71
C ALA C 330 -31.31 -8.29 15.59
N GLU C 331 -32.58 -7.88 15.72
CA GLU C 331 -32.98 -6.49 15.64
C GLU C 331 -32.61 -5.76 16.94
N ALA C 332 -31.69 -6.37 17.69
CA ALA C 332 -31.22 -5.82 18.95
C ALA C 332 -30.68 -4.41 18.78
N PRO C 333 -30.87 -3.56 19.81
CA PRO C 333 -30.48 -2.15 19.93
C PRO C 333 -28.97 -1.89 19.77
N PRO C 334 -28.60 -1.18 18.69
CA PRO C 334 -27.20 -0.86 18.39
C PRO C 334 -26.50 -0.21 19.56
N PRO C 335 -25.18 -0.42 19.66
CA PRO C 335 -24.36 0.14 20.74
C PRO C 335 -24.13 1.62 20.51
N LYS C 336 -23.99 2.38 21.59
CA LYS C 336 -23.75 3.82 21.46
C LYS C 336 -22.27 4.17 21.57
N ILE C 337 -21.82 5.03 20.68
CA ILE C 337 -20.43 5.47 20.68
C ILE C 337 -20.48 6.99 20.72
N PRO C 338 -19.56 7.61 21.48
CA PRO C 338 -19.56 9.07 21.54
C PRO C 338 -19.36 9.72 20.18
N ASP C 339 -18.21 9.45 19.56
CA ASP C 339 -17.85 10.00 18.25
C ASP C 339 -16.35 9.89 18.01
N LYS C 340 -15.69 9.04 18.80
CA LYS C 340 -14.25 8.84 18.71
C LYS C 340 -13.81 7.61 17.92
N GLN C 341 -14.32 7.47 16.70
CA GLN C 341 -13.97 6.33 15.85
C GLN C 341 -14.81 6.30 14.57
N LEU C 342 -15.91 7.04 14.57
CA LEU C 342 -16.79 7.10 13.40
C LEU C 342 -16.08 7.82 12.26
N ASP C 343 -15.71 7.06 11.22
CA ASP C 343 -15.03 7.60 10.04
C ASP C 343 -13.54 7.88 10.30
N GLU C 344 -13.16 9.14 10.14
CA GLU C 344 -11.77 9.59 10.32
C GLU C 344 -11.40 9.70 11.80
N ARG C 345 -10.17 9.30 12.13
CA ARG C 345 -9.70 9.36 13.51
C ARG C 345 -8.22 9.03 13.56
N GLU C 346 -7.47 9.74 14.39
CA GLU C 346 -6.04 9.50 14.54
C GLU C 346 -5.37 10.58 15.39
N HIS C 347 -4.28 10.20 16.05
CA HIS C 347 -3.55 11.13 16.90
C HIS C 347 -2.06 10.80 16.79
N THR C 348 -1.32 11.01 17.87
CA THR C 348 0.12 10.73 17.86
C THR C 348 0.73 10.28 19.19
N ILE C 349 1.33 9.09 19.17
CA ILE C 349 2.01 8.48 20.32
C ILE C 349 1.48 8.88 21.70
N GLU C 350 2.25 9.72 22.37
CA GLU C 350 1.91 10.22 23.70
C GLU C 350 0.43 10.50 23.89
N GLU C 351 -0.19 11.05 22.86
CA GLU C 351 -1.63 11.37 22.94
C GLU C 351 -2.41 10.10 23.25
N TRP C 352 -2.28 9.09 22.37
CA TRP C 352 -2.97 7.82 22.58
C TRP C 352 -2.69 7.40 24.01
N LYS C 353 -1.41 7.18 24.28
CA LYS C 353 -0.92 6.76 25.60
C LYS C 353 -1.77 7.32 26.72
N GLU C 354 -2.17 8.59 26.60
CA GLU C 354 -3.00 9.23 27.61
C GLU C 354 -4.46 8.89 27.34
N LEU C 355 -4.94 9.18 26.14
CA LEU C 355 -6.33 8.90 25.78
C LEU C 355 -6.66 7.49 26.25
N ILE C 356 -5.64 6.63 26.21
CA ILE C 356 -5.74 5.24 26.61
C ILE C 356 -5.63 5.12 28.14
N TYR C 357 -4.49 5.56 28.68
CA TYR C 357 -4.26 5.51 30.12
C TYR C 357 -5.45 6.15 30.83
N LYS C 358 -6.20 6.95 30.09
CA LYS C 358 -7.37 7.61 30.63
C LYS C 358 -8.57 6.70 30.47
N GLU C 359 -8.76 6.17 29.26
CA GLU C 359 -9.87 5.28 28.97
C GLU C 359 -9.75 4.02 29.82
N VAL C 360 -8.65 3.89 30.56
CA VAL C 360 -8.43 2.72 31.40
C VAL C 360 -8.77 2.97 32.86
N MET C 361 -8.81 4.23 33.26
CA MET C 361 -9.10 4.58 34.64
C MET C 361 -10.54 4.34 35.08
N ASP C 362 -11.44 5.26 34.72
CA ASP C 362 -12.84 5.14 35.12
C ASP C 362 -13.51 3.81 34.78
N LEU C 363 -12.70 2.86 34.30
CA LEU C 363 -13.18 1.53 33.95
C LEU C 363 -12.59 0.50 34.91
N PRO D 2 -38.69 -27.18 15.80
CA PRO D 2 -37.44 -26.41 15.69
C PRO D 2 -37.00 -25.80 17.02
N LYS D 3 -36.45 -26.61 17.92
CA LYS D 3 -36.00 -26.10 19.21
C LYS D 3 -34.47 -25.94 19.20
N ARG D 4 -33.96 -24.98 19.96
CA ARG D 4 -32.52 -24.69 20.00
C ARG D 4 -31.64 -25.67 20.77
N PRO D 5 -30.44 -25.95 20.25
CA PRO D 5 -29.46 -26.86 20.84
C PRO D 5 -28.97 -26.35 22.18
N THR D 6 -28.50 -27.27 23.01
CA THR D 6 -28.02 -26.93 24.34
C THR D 6 -26.74 -27.70 24.65
N THR D 7 -26.31 -28.49 23.69
CA THR D 7 -25.13 -29.31 23.89
C THR D 7 -24.20 -29.36 22.69
N LEU D 8 -22.97 -28.88 22.89
CA LEU D 8 -21.95 -28.91 21.84
C LEU D 8 -20.71 -29.63 22.39
N ASN D 9 -20.43 -30.84 21.92
CA ASN D 9 -19.27 -31.57 22.42
C ASN D 9 -17.93 -30.94 22.05
N LEU D 10 -17.16 -30.51 23.06
CA LEU D 10 -15.89 -29.85 22.78
C LEU D 10 -14.60 -30.45 23.35
N PHE D 11 -14.48 -31.77 23.29
CA PHE D 11 -13.29 -32.42 23.81
C PHE D 11 -13.01 -33.68 22.99
S SO4 E . 1.67 -0.25 -13.17
O1 SO4 E . 3.05 -0.16 -13.57
O2 SO4 E . 1.47 0.52 -11.97
O3 SO4 E . 0.85 0.27 -14.22
O4 SO4 E . 1.33 -1.61 -12.93
S SO4 F . 3.51 11.04 -3.18
O1 SO4 F . 3.88 11.67 -4.39
O2 SO4 F . 3.18 9.67 -3.43
O3 SO4 F . 4.61 11.10 -2.24
O4 SO4 F . 2.37 11.70 -2.63
C1 859 G . 11.81 19.50 -24.51
N2 859 G . 10.83 18.96 -23.78
C3 859 G . 10.51 19.45 -22.57
C4 859 G . 11.20 20.54 -22.05
C5 859 G . 12.23 21.08 -22.87
N6 859 G . 12.52 20.55 -24.09
N7 859 G . 9.52 18.83 -21.85
C8 859 G . 8.68 17.74 -22.13
C9 859 G . 7.76 17.31 -21.11
C10 859 G . 6.91 16.20 -21.36
C11 859 G . 6.93 15.52 -22.60
C12 859 G . 7.82 15.93 -23.59
C13 859 G . 8.66 17.01 -23.36
N14 859 G . 12.11 18.96 -25.73
C15 859 G . 11.48 17.93 -26.43
C16 859 G . 11.43 18.05 -27.84
C17 859 G . 10.81 17.05 -28.63
C18 859 G . 10.23 15.91 -28.02
C19 859 G . 10.27 15.77 -26.62
C20 859 G . 10.89 16.77 -25.84
O21 859 G . 9.70 14.66 -26.02
C22 859 G . 7.70 17.97 -19.80
N23 859 G . 6.84 17.48 -18.89
O24 859 G . 8.40 18.93 -19.49
S SO4 H . 0.27 -12.56 4.75
O1 SO4 H . 1.66 -12.33 4.80
O2 SO4 H . -0.43 -11.40 5.18
O3 SO4 H . -0.11 -12.87 3.43
O4 SO4 H . -0.08 -13.67 5.58
S SO4 I . -6.17 0.21 9.59
O1 SO4 I . -6.89 -0.85 10.22
O2 SO4 I . -5.78 -0.21 8.27
O3 SO4 I . -7.02 1.37 9.50
O4 SO4 I . -4.98 0.50 10.36
C1 859 J . -11.97 -17.81 25.65
N2 859 J . -11.03 -17.16 24.96
C3 859 J . -11.11 -15.83 24.75
C4 859 J . -12.18 -15.11 25.29
C5 859 J . -13.14 -15.84 26.00
N6 859 J . -13.04 -17.18 26.18
N7 859 J . -10.12 -15.20 24.04
C8 859 J . -8.96 -15.68 23.41
C9 859 J . -8.10 -14.76 22.68
C10 859 J . -6.92 -15.25 22.05
C11 859 J . -6.55 -16.60 22.11
C12 859 J . -7.37 -17.50 22.81
C13 859 J . -8.54 -17.05 23.44
N14 859 J . -11.86 -19.17 25.82
C15 859 J . -11.01 -20.07 25.17
C16 859 J . -10.81 -19.93 23.77
C17 859 J . -9.95 -20.83 23.08
C18 859 J . -9.30 -21.87 23.77
C19 859 J . -9.50 -22.01 25.16
C20 859 J . -10.35 -21.12 25.84
O21 859 J . -8.86 -23.03 25.86
C22 859 J . -8.42 -13.29 22.56
N23 859 J . -7.55 -12.56 21.85
O24 859 J . -9.38 -12.74 23.05
#